data_6J88
#
_entry.id   6J88
#
_cell.length_a   48.933
_cell.length_b   150.354
_cell.length_c   55.860
_cell.angle_alpha   90.00
_cell.angle_beta   115.98
_cell.angle_gamma   90.00
#
_symmetry.space_group_name_H-M   'P 1 21 1'
#
loop_
_entity.id
_entity.type
_entity.pdbx_description
1 polymer 'Nocardicin N-oxygenase'
2 non-polymer 'PROTOPORPHYRIN IX CONTAINING FE'
3 non-polymer N-[(2S)-1-(1-benzothiophen-3-yl)-3-hydroxypropan-2-yl]-N~2~-methyl-L-valinamide
4 water water
#
_entity_poly.entity_id   1
_entity_poly.type   'polypeptide(L)'
_entity_poly.pdbx_seq_one_letter_code
;MGSSHHHHHHSSGLVPRGSHMTGTPAPVRYPFGEAVRLDLHPTYAELRERRTLLRVRVPHGDDAWLVTRHEDVRTVLTDP
RFSRAAAAGRDEARLTPLVIRTSVMGVDPPDHTRLRRLVATAFSRRGVEHLRPGITALVRRLTDDMVGQGPPVDLVRSFV
TPLSGLVICDLLGVPYADRSRFRHWLEAFFSITALPADEVAVRIEAMYGYIAELVALRRAEPTEDLLGGLVRARDRDGSC
SEEELVDLANVLLLAGYHTTASQLASSLFVLLTQPEHAELLRSRPELAPRAVEELLRYVPLIAHVTFARYATEDVWLGGT
LVRAGEAVLPAVPSANRDAEVFDEPDRLDLTRRHNPHLAFGHGLHHCLGASLVRVQMEVALTMLLGRFPDLALAAPPDEV
PWTRGMQARSPLRLPVTWGGGERAAAAVGADRGAG
;
_entity_poly.pdbx_strand_id   A,B
#
loop_
_chem_comp.id
_chem_comp.type
_chem_comp.name
_chem_comp.formula
B9O non-polymer N-[(2S)-1-(1-benzothiophen-3-yl)-3-hydroxypropan-2-yl]-N~2~-methyl-L-valinamide 'C17 H24 N2 O2 S'
HEM non-polymer 'PROTOPORPHYRIN IX CONTAINING FE' 'C34 H32 Fe N4 O4'
#
# COMPACT_ATOMS: atom_id res chain seq x y z
N THR A 24 9.16 -11.47 15.05
CA THR A 24 7.75 -11.14 15.07
C THR A 24 7.43 -10.23 16.27
N PRO A 25 6.88 -9.04 15.99
CA PRO A 25 6.62 -8.04 17.04
C PRO A 25 5.54 -8.48 18.03
N ALA A 26 5.46 -7.76 19.13
CA ALA A 26 4.40 -8.04 20.10
C ALA A 26 3.08 -7.63 19.45
N PRO A 27 2.11 -8.53 19.36
CA PRO A 27 0.85 -8.23 18.66
C PRO A 27 0.07 -7.07 19.27
N VAL A 28 -0.48 -6.22 18.39
CA VAL A 28 -1.36 -5.13 18.79
C VAL A 28 -2.80 -5.64 18.79
N ARG A 29 -3.59 -5.25 19.80
CA ARG A 29 -4.99 -5.64 19.83
C ARG A 29 -5.70 -5.06 18.61
N TYR A 30 -6.37 -5.93 17.87
CA TYR A 30 -7.16 -5.51 16.73
C TYR A 30 -8.55 -6.11 16.92
N PRO A 31 -9.63 -5.36 16.61
CA PRO A 31 -9.65 -4.02 16.03
C PRO A 31 -9.15 -2.93 16.97
N PHE A 32 -8.79 -1.77 16.38
CA PHE A 32 -8.18 -0.68 17.14
C PHE A 32 -9.16 -0.11 18.17
N GLY A 33 -10.43 -0.38 17.98
CA GLY A 33 -11.47 0.00 18.90
C GLY A 33 -12.76 -0.14 18.13
N GLU A 34 -13.86 0.16 18.81
CA GLU A 34 -15.11 0.12 18.10
C GLU A 34 -15.05 1.12 16.96
N ALA A 35 -15.45 0.69 15.76
CA ALA A 35 -15.57 1.60 14.62
C ALA A 35 -16.84 2.42 14.80
N VAL A 36 -16.71 3.73 14.82
CA VAL A 36 -17.80 4.61 15.23
C VAL A 36 -18.27 5.46 14.05
N ARG A 37 -19.57 5.45 13.82
CA ARG A 37 -20.22 6.14 12.70
C ARG A 37 -19.50 5.70 11.43
N LEU A 38 -19.05 6.63 10.59
CA LEU A 38 -18.30 6.27 9.40
C LEU A 38 -16.85 6.66 9.54
N ASP A 39 -16.39 6.75 10.78
CA ASP A 39 -15.06 7.23 11.09
C ASP A 39 -14.07 6.10 10.91
N LEU A 40 -12.85 6.47 10.55
CA LEU A 40 -11.72 5.56 10.55
C LEU A 40 -10.81 5.92 11.71
N HIS A 41 -10.34 4.89 12.43
CA HIS A 41 -9.37 5.09 13.49
C HIS A 41 -8.07 5.61 12.88
N PRO A 42 -7.41 6.56 13.54
CA PRO A 42 -6.18 7.17 12.98
C PRO A 42 -5.04 6.23 12.66
N THR A 43 -4.99 5.04 13.27
CA THR A 43 -3.85 4.16 13.04
C THR A 43 -3.78 3.72 11.58
N TYR A 44 -4.91 3.70 10.88
CA TYR A 44 -4.89 3.23 9.49
C TYR A 44 -4.02 4.13 8.63
N ALA A 45 -4.19 5.45 8.77
CA ALA A 45 -3.37 6.42 8.03
C ALA A 45 -1.90 6.35 8.42
N GLU A 46 -1.60 6.10 9.71
CA GLU A 46 -0.23 5.92 10.16
C GLU A 46 0.42 4.73 9.46
N LEU A 47 -0.31 3.63 9.37
CA LEU A 47 0.20 2.38 8.84
C LEU A 47 0.54 2.45 7.35
N ARG A 48 -0.28 3.15 6.55
CA ARG A 48 0.02 3.31 5.13
C ARG A 48 1.35 4.02 4.92
N GLU A 49 1.53 5.12 5.64
CA GLU A 49 2.74 5.94 5.54
C GLU A 49 3.97 5.22 6.07
N ARG A 50 3.82 4.47 7.17
CA ARG A 50 4.95 3.68 7.65
C ARG A 50 5.36 2.64 6.62
N ARG A 51 4.39 2.09 5.87
CA ARG A 51 4.62 1.10 4.81
C ARG A 51 4.99 -0.26 5.37
N THR A 52 4.47 -0.55 6.57
CA THR A 52 4.75 -1.78 7.28
C THR A 52 3.44 -2.44 7.70
N LEU A 53 3.45 -3.77 7.76
CA LEU A 53 2.30 -4.47 8.30
C LEU A 53 2.36 -4.49 9.82
N LEU A 54 1.19 -4.44 10.43
CA LEU A 54 1.05 -4.43 11.88
C LEU A 54 0.73 -5.85 12.33
N ARG A 55 1.64 -6.43 13.13
CA ARG A 55 1.37 -7.68 13.84
C ARG A 55 0.25 -7.43 14.84
N VAL A 56 -0.84 -8.18 14.73
CA VAL A 56 -2.00 -7.90 15.56
C VAL A 56 -2.49 -9.19 16.19
N ARG A 57 -3.26 -9.02 17.25
CA ARG A 57 -3.96 -10.09 17.96
C ARG A 57 -5.44 -9.73 17.88
N VAL A 58 -6.20 -10.55 17.15
CA VAL A 58 -7.59 -10.28 16.84
C VAL A 58 -8.46 -10.99 17.88
N PRO A 59 -9.75 -10.69 17.99
CA PRO A 59 -10.54 -11.31 19.08
C PRO A 59 -10.63 -12.84 19.03
N HIS A 60 -10.58 -13.46 17.84
CA HIS A 60 -10.63 -14.92 17.73
C HIS A 60 -9.70 -15.41 16.62
N GLY A 61 -9.24 -16.63 16.77
CA GLY A 61 -8.40 -17.28 15.78
C GLY A 61 -6.93 -16.87 15.87
N ASP A 62 -6.21 -17.14 14.78
CA ASP A 62 -4.78 -16.93 14.77
C ASP A 62 -4.43 -15.45 14.88
N ASP A 63 -3.17 -15.18 15.22
CA ASP A 63 -2.62 -13.84 15.09
C ASP A 63 -2.52 -13.51 13.61
N ALA A 64 -2.44 -12.22 13.29
CA ALA A 64 -2.48 -11.81 11.90
C ALA A 64 -1.64 -10.57 11.64
N TRP A 65 -1.33 -10.36 10.36
CA TRP A 65 -0.75 -9.14 9.86
C TRP A 65 -1.88 -8.28 9.28
N LEU A 66 -2.05 -7.07 9.78
CA LEU A 66 -3.00 -6.12 9.20
C LEU A 66 -2.43 -5.42 7.97
N VAL A 67 -3.21 -5.34 6.88
CA VAL A 67 -2.81 -4.68 5.63
C VAL A 67 -3.68 -3.45 5.42
N THR A 68 -3.03 -2.30 5.30
CA THR A 68 -3.65 -0.99 5.25
C THR A 68 -3.51 -0.30 3.92
N ARG A 69 -2.44 -0.58 3.20
CA ARG A 69 -2.18 0.09 1.94
C ARG A 69 -2.96 -0.57 0.80
N HIS A 70 -3.43 0.28 -0.11
CA HIS A 70 -4.18 -0.15 -1.27
C HIS A 70 -3.32 -1.07 -2.14
N GLU A 71 -2.07 -0.66 -2.39
CA GLU A 71 -1.17 -1.47 -3.20
C GLU A 71 -0.95 -2.84 -2.59
N ASP A 72 -1.06 -2.97 -1.27
CA ASP A 72 -0.85 -4.24 -0.58
C ASP A 72 -2.12 -5.01 -0.30
N VAL A 73 -3.24 -4.34 -0.02
CA VAL A 73 -4.51 -5.04 0.17
C VAL A 73 -4.94 -5.71 -1.14
N ARG A 74 -4.61 -5.09 -2.27
CA ARG A 74 -4.83 -5.78 -3.54
C ARG A 74 -4.09 -7.10 -3.58
N THR A 75 -2.83 -7.12 -3.13
CA THR A 75 -2.07 -8.36 -3.13
C THR A 75 -2.70 -9.42 -2.22
N VAL A 76 -3.02 -9.05 -0.97
CA VAL A 76 -3.60 -10.05 -0.08
C VAL A 76 -4.96 -10.50 -0.59
N LEU A 77 -5.73 -9.61 -1.25
CA LEU A 77 -7.05 -10.00 -1.69
C LEU A 77 -7.03 -11.00 -2.85
N THR A 78 -6.00 -10.97 -3.70
CA THR A 78 -6.03 -11.69 -4.97
C THR A 78 -4.76 -12.43 -5.37
N ASP A 79 -3.63 -12.21 -4.71
CA ASP A 79 -2.37 -12.84 -5.12
C ASP A 79 -2.44 -14.36 -4.96
N PRO A 80 -1.87 -15.12 -5.90
CA PRO A 80 -1.95 -16.59 -5.80
C PRO A 80 -1.32 -17.17 -4.55
N ARG A 81 -0.31 -16.52 -3.97
CA ARG A 81 0.33 -17.00 -2.75
C ARG A 81 -0.46 -16.68 -1.50
N PHE A 82 -1.61 -16.03 -1.63
CA PHE A 82 -2.55 -15.82 -0.53
C PHE A 82 -3.81 -16.64 -0.75
N SER A 83 -4.09 -17.53 0.20
CA SER A 83 -5.17 -18.50 0.13
C SER A 83 -6.31 -18.12 1.06
N ARG A 84 -7.55 -18.31 0.57
CA ARG A 84 -8.75 -18.20 1.40
C ARG A 84 -9.36 -19.54 1.75
N ALA A 85 -9.15 -20.55 0.90
CA ALA A 85 -9.51 -21.94 1.21
C ALA A 85 -8.65 -22.51 2.34
N ALA A 86 -7.36 -22.15 2.40
CA ALA A 86 -6.53 -22.75 3.43
C ALA A 86 -6.85 -22.19 4.82
N ALA A 87 -7.74 -21.20 4.89
CA ALA A 87 -8.21 -20.68 6.17
C ALA A 87 -9.20 -21.65 6.82
N ALA A 88 -9.70 -22.62 6.06
CA ALA A 88 -10.59 -23.65 6.58
C ALA A 88 -9.86 -24.64 7.50
N GLY A 89 -8.58 -24.88 7.25
CA GLY A 89 -7.76 -25.74 8.07
C GLY A 89 -7.15 -25.11 9.31
N ARG A 90 -7.64 -23.94 9.72
CA ARG A 90 -7.08 -23.15 10.82
C ARG A 90 -8.18 -22.67 11.74
N ASP A 91 -7.80 -22.22 12.94
CA ASP A 91 -8.76 -21.38 13.67
C ASP A 91 -8.55 -20.01 13.05
N GLU A 92 -9.35 -19.71 12.02
CA GLU A 92 -9.10 -18.56 11.16
C GLU A 92 -9.12 -17.27 11.95
N ALA A 93 -8.10 -16.45 11.75
CA ALA A 93 -8.06 -15.11 12.32
C ALA A 93 -9.27 -14.29 11.88
N ARG A 94 -10.09 -13.87 12.85
CA ARG A 94 -11.36 -13.21 12.56
C ARG A 94 -11.78 -12.32 13.72
N LEU A 95 -12.89 -11.61 13.52
CA LEU A 95 -13.52 -10.83 14.59
C LEU A 95 -14.73 -11.54 15.15
N THR A 96 -15.28 -12.48 14.38
CA THR A 96 -16.49 -13.25 14.63
C THR A 96 -16.17 -14.46 15.51
N PRO A 97 -17.02 -14.77 16.49
CA PRO A 97 -16.72 -15.90 17.39
C PRO A 97 -16.59 -17.23 16.69
N LEU A 98 -17.46 -17.50 15.72
CA LEU A 98 -17.47 -18.78 15.02
C LEU A 98 -17.03 -18.59 13.57
N VAL A 99 -16.27 -19.55 13.05
CA VAL A 99 -15.85 -19.55 11.65
C VAL A 99 -17.06 -19.77 10.74
N ILE A 100 -17.12 -18.99 9.66
CA ILE A 100 -18.26 -18.98 8.75
C ILE A 100 -17.92 -19.80 7.52
N ARG A 101 -18.89 -20.61 7.07
CA ARG A 101 -18.79 -21.25 5.76
C ARG A 101 -19.22 -20.17 4.78
N THR A 102 -18.29 -19.75 3.93
CA THR A 102 -18.40 -18.51 3.16
C THR A 102 -18.67 -18.78 1.69
N SER A 103 -19.00 -20.02 1.34
CA SER A 103 -19.39 -20.43 -0.02
C SER A 103 -18.22 -20.22 -0.97
N VAL A 104 -18.39 -19.46 -2.05
CA VAL A 104 -17.31 -19.21 -3.00
C VAL A 104 -16.26 -18.25 -2.41
N MET A 105 -16.63 -17.49 -1.37
CA MET A 105 -15.68 -16.59 -0.72
C MET A 105 -14.59 -17.33 0.05
N GLY A 106 -14.86 -18.54 0.54
CA GLY A 106 -13.91 -19.26 1.37
C GLY A 106 -13.15 -20.34 0.65
N VAL A 107 -13.16 -20.30 -0.69
CA VAL A 107 -12.53 -21.32 -1.51
C VAL A 107 -11.58 -20.67 -2.51
N ASP A 108 -10.66 -21.47 -3.01
CA ASP A 108 -9.70 -21.21 -4.08
C ASP A 108 -10.12 -21.96 -5.35
N PRO A 109 -9.45 -21.72 -6.49
CA PRO A 109 -9.63 -22.60 -7.64
C PRO A 109 -9.05 -23.99 -7.36
N PRO A 110 -9.65 -25.04 -7.94
CA PRO A 110 -10.66 -25.06 -8.98
C PRO A 110 -12.08 -24.86 -8.48
N ASP A 111 -12.32 -25.13 -7.19
CA ASP A 111 -13.67 -25.04 -6.64
C ASP A 111 -14.26 -23.65 -6.79
N HIS A 112 -13.42 -22.62 -6.77
CA HIS A 112 -13.92 -21.25 -6.92
C HIS A 112 -14.49 -21.04 -8.32
N THR A 113 -13.77 -21.49 -9.35
CA THR A 113 -14.26 -21.44 -10.73
C THR A 113 -15.60 -22.19 -10.84
N ARG A 114 -15.63 -23.42 -10.35
CA ARG A 114 -16.82 -24.26 -10.47
C ARG A 114 -18.03 -23.61 -9.78
N LEU A 115 -17.81 -23.00 -8.61
CA LEU A 115 -18.93 -22.38 -7.89
C LEU A 115 -19.37 -21.07 -8.54
N ARG A 116 -18.42 -20.23 -8.95
CA ARG A 116 -18.79 -18.93 -9.54
C ARG A 116 -19.47 -19.10 -10.91
N ARG A 117 -19.06 -20.10 -11.70
CA ARG A 117 -19.62 -20.34 -13.03
C ARG A 117 -21.15 -20.46 -13.02
N LEU A 118 -21.74 -20.83 -11.89
CA LEU A 118 -23.16 -21.08 -11.81
C LEU A 118 -24.00 -19.84 -11.52
N VAL A 119 -23.40 -18.76 -11.01
CA VAL A 119 -24.15 -17.55 -10.67
C VAL A 119 -23.63 -16.32 -11.41
N ALA A 120 -22.58 -16.47 -12.22
CA ALA A 120 -21.87 -15.33 -12.80
C ALA A 120 -22.71 -14.57 -13.83
N THR A 121 -23.33 -15.28 -14.77
CA THR A 121 -24.09 -14.64 -15.85
C THR A 121 -25.31 -13.88 -15.33
N ALA A 122 -25.99 -14.42 -14.33
CA ALA A 122 -27.12 -13.68 -13.77
C ALA A 122 -26.68 -12.43 -13.00
N PHE A 123 -25.42 -12.36 -12.58
CA PHE A 123 -24.87 -11.25 -11.81
C PHE A 123 -23.94 -10.37 -12.65
N SER A 124 -23.79 -10.67 -13.94
CA SER A 124 -22.98 -9.88 -14.86
C SER A 124 -23.66 -8.54 -15.10
N ARG A 125 -23.01 -7.67 -15.90
CA ARG A 125 -23.61 -6.36 -16.18
C ARG A 125 -24.88 -6.50 -17.00
N ARG A 126 -24.86 -7.39 -18.00
CA ARG A 126 -26.00 -7.60 -18.89
C ARG A 126 -27.23 -8.09 -18.16
N GLY A 127 -27.07 -9.16 -17.37
CA GLY A 127 -28.19 -9.71 -16.64
C GLY A 127 -28.78 -8.74 -15.66
N VAL A 128 -27.95 -7.90 -15.04
CA VAL A 128 -28.47 -6.93 -14.08
C VAL A 128 -29.19 -5.80 -14.81
N GLU A 129 -28.73 -5.44 -16.01
CA GLU A 129 -29.44 -4.42 -16.80
C GLU A 129 -30.86 -4.85 -17.10
N HIS A 130 -31.08 -6.16 -17.31
CA HIS A 130 -32.45 -6.63 -17.51
C HIS A 130 -33.28 -6.39 -16.27
N LEU A 131 -32.66 -6.31 -15.11
CA LEU A 131 -33.40 -6.09 -13.88
C LEU A 131 -33.74 -4.61 -13.66
N ARG A 132 -33.10 -3.71 -14.40
CA ARG A 132 -33.24 -2.28 -14.14
C ARG A 132 -34.67 -1.76 -14.12
N PRO A 133 -35.58 -2.16 -15.04
CA PRO A 133 -36.97 -1.68 -14.93
C PRO A 133 -37.66 -2.06 -13.63
N GLY A 134 -37.45 -3.29 -13.13
CA GLY A 134 -38.08 -3.70 -11.88
C GLY A 134 -37.56 -2.95 -10.66
N ILE A 135 -36.24 -2.77 -10.57
CA ILE A 135 -35.67 -1.97 -9.48
C ILE A 135 -36.20 -0.54 -9.58
N THR A 136 -36.20 0.01 -10.80
CA THR A 136 -36.72 1.35 -11.05
C THR A 136 -38.19 1.42 -10.68
N ALA A 137 -38.97 0.42 -11.11
CA ALA A 137 -40.38 0.37 -10.79
C ALA A 137 -40.62 0.20 -9.28
N LEU A 138 -39.78 -0.59 -8.62
CA LEU A 138 -39.91 -0.76 -7.17
C LEU A 138 -39.50 0.53 -6.44
N VAL A 139 -38.36 1.13 -6.84
CA VAL A 139 -37.95 2.36 -6.19
C VAL A 139 -39.05 3.41 -6.33
N ARG A 140 -39.74 3.41 -7.48
CA ARG A 140 -40.86 4.33 -7.69
C ARG A 140 -42.03 4.00 -6.75
N ARG A 141 -42.32 2.72 -6.57
CA ARG A 141 -43.38 2.30 -5.66
C ARG A 141 -43.04 2.61 -4.21
N LEU A 142 -41.77 2.47 -3.83
CA LEU A 142 -41.35 2.86 -2.49
C LEU A 142 -41.43 4.37 -2.32
N THR A 143 -40.85 5.12 -3.26
CA THR A 143 -40.96 6.58 -3.22
C THR A 143 -42.40 7.05 -3.39
N ASP A 144 -43.24 6.29 -4.10
CA ASP A 144 -44.68 6.56 -4.08
C ASP A 144 -45.20 6.55 -2.66
N ASP A 145 -44.72 5.57 -1.87
CA ASP A 145 -45.20 5.37 -0.50
C ASP A 145 -44.84 6.54 0.41
N MET A 146 -43.61 7.04 0.29
CA MET A 146 -43.15 8.19 1.09
C MET A 146 -43.87 9.46 0.68
N VAL A 147 -43.97 9.71 -0.63
CA VAL A 147 -44.67 10.89 -1.14
C VAL A 147 -46.06 11.00 -0.54
N GLY A 148 -46.80 9.89 -0.52
CA GLY A 148 -48.17 9.93 0.00
C GLY A 148 -48.27 10.05 1.50
N GLN A 149 -47.41 9.33 2.23
CA GLN A 149 -47.46 9.35 3.68
C GLN A 149 -46.98 10.68 4.24
N GLY A 150 -46.00 11.32 3.62
CA GLY A 150 -45.48 12.59 4.07
C GLY A 150 -44.30 12.40 5.02
N PRO A 151 -43.53 13.45 5.28
CA PRO A 151 -42.42 13.35 6.25
C PRO A 151 -42.96 13.41 7.67
N PRO A 152 -42.26 12.80 8.64
CA PRO A 152 -40.98 12.12 8.44
C PRO A 152 -41.06 10.63 8.07
N VAL A 153 -39.97 10.17 7.47
CA VAL A 153 -39.83 8.78 7.06
C VAL A 153 -38.47 8.28 7.54
N ASP A 154 -38.46 7.06 8.08
CA ASP A 154 -37.18 6.40 8.29
C ASP A 154 -36.79 5.78 6.96
N LEU A 155 -35.77 6.31 6.32
CA LEU A 155 -35.42 5.83 4.99
C LEU A 155 -34.92 4.41 5.01
N VAL A 156 -34.49 3.90 6.16
CA VAL A 156 -34.02 2.53 6.22
C VAL A 156 -35.20 1.55 6.18
N ARG A 157 -36.22 1.83 6.98
CA ARG A 157 -37.38 0.96 7.07
C ARG A 157 -38.24 0.99 5.80
N SER A 158 -38.40 2.18 5.20
CA SER A 158 -39.32 2.38 4.09
C SER A 158 -38.67 2.42 2.71
N PHE A 159 -37.35 2.46 2.61
CA PHE A 159 -36.71 2.51 1.30
C PHE A 159 -35.56 1.52 1.20
N VAL A 160 -34.56 1.64 2.09
CA VAL A 160 -33.34 0.87 1.94
C VAL A 160 -33.64 -0.63 2.10
N THR A 161 -34.34 -0.99 3.18
CA THR A 161 -34.59 -2.41 3.43
C THR A 161 -35.51 -3.05 2.40
N PRO A 162 -36.66 -2.46 2.04
CA PRO A 162 -37.53 -3.09 1.02
C PRO A 162 -36.88 -3.19 -0.35
N LEU A 163 -36.18 -2.16 -0.82
CA LEU A 163 -35.55 -2.24 -2.13
C LEU A 163 -34.50 -3.34 -2.16
N SER A 164 -33.56 -3.32 -1.22
CA SER A 164 -32.52 -4.35 -1.23
C SER A 164 -33.09 -5.72 -0.89
N GLY A 165 -34.10 -5.76 -0.01
CA GLY A 165 -34.70 -7.03 0.38
C GLY A 165 -35.55 -7.65 -0.71
N LEU A 166 -36.45 -6.86 -1.30
CA LEU A 166 -37.26 -7.35 -2.41
C LEU A 166 -36.42 -7.69 -3.64
N VAL A 167 -35.35 -6.93 -3.90
CA VAL A 167 -34.55 -7.22 -5.10
C VAL A 167 -33.89 -8.60 -5.00
N ILE A 168 -33.19 -8.89 -3.89
CA ILE A 168 -32.46 -10.16 -3.77
C ILE A 168 -33.43 -11.32 -3.63
N CYS A 169 -34.53 -11.12 -2.90
CA CYS A 169 -35.52 -12.17 -2.73
C CYS A 169 -36.15 -12.57 -4.05
N ASP A 170 -36.42 -11.60 -4.94
CA ASP A 170 -36.97 -11.88 -6.28
C ASP A 170 -35.96 -12.59 -7.17
N LEU A 171 -34.73 -12.07 -7.23
CA LEU A 171 -33.71 -12.70 -8.05
C LEU A 171 -33.37 -14.08 -7.51
N LEU A 172 -33.32 -14.21 -6.18
CA LEU A 172 -32.93 -15.48 -5.61
C LEU A 172 -34.10 -16.45 -5.56
N GLY A 173 -35.30 -15.93 -5.34
CA GLY A 173 -36.44 -16.78 -5.15
C GLY A 173 -36.82 -16.96 -3.71
N VAL A 174 -36.20 -16.24 -2.81
CA VAL A 174 -36.62 -16.27 -1.42
C VAL A 174 -37.94 -15.54 -1.31
N PRO A 175 -38.93 -16.06 -0.59
CA PRO A 175 -40.11 -15.24 -0.31
C PRO A 175 -39.67 -14.11 0.59
N TYR A 176 -39.83 -12.87 0.12
CA TYR A 176 -39.48 -11.73 0.95
C TYR A 176 -40.46 -11.60 2.09
N ALA A 177 -41.63 -12.24 1.95
CA ALA A 177 -42.71 -12.31 2.94
C ALA A 177 -42.38 -13.23 4.12
N ASP A 178 -41.25 -13.94 4.09
CA ASP A 178 -40.71 -14.64 5.24
C ASP A 178 -39.54 -13.88 5.88
N ARG A 179 -39.31 -12.61 5.54
CA ARG A 179 -38.18 -11.86 6.07
C ARG A 179 -38.25 -11.63 7.57
N SER A 180 -39.45 -11.58 8.15
CA SER A 180 -39.59 -11.51 9.59
C SER A 180 -38.89 -12.67 10.28
N ARG A 181 -38.59 -13.73 9.53
CA ARG A 181 -37.98 -14.95 10.04
C ARG A 181 -36.48 -15.00 9.75
N PHE A 182 -36.05 -14.75 8.51
CA PHE A 182 -34.61 -14.85 8.21
C PHE A 182 -33.83 -13.59 8.54
N ARG A 183 -34.48 -12.42 8.72
CA ARG A 183 -33.75 -11.22 9.15
C ARG A 183 -33.10 -11.46 10.52
N HIS A 184 -33.80 -12.22 11.36
CA HIS A 184 -33.33 -12.65 12.67
C HIS A 184 -32.01 -13.43 12.54
N TRP A 185 -32.02 -14.49 11.73
CA TRP A 185 -30.82 -15.28 11.51
C TRP A 185 -29.80 -14.55 10.66
N LEU A 186 -30.26 -13.63 9.78
CA LEU A 186 -29.35 -12.94 8.86
C LEU A 186 -28.31 -12.14 9.61
N GLU A 187 -28.73 -11.44 10.66
CA GLU A 187 -27.85 -10.57 11.42
C GLU A 187 -26.72 -11.36 12.10
N ALA A 188 -27.00 -12.57 12.56
CA ALA A 188 -25.99 -13.40 13.23
C ALA A 188 -24.76 -13.63 12.35
N PHE A 189 -24.92 -13.57 11.04
CA PHE A 189 -23.79 -13.73 10.12
C PHE A 189 -22.93 -12.49 9.98
N PHE A 190 -23.32 -11.35 10.57
CA PHE A 190 -22.51 -10.14 10.56
C PHE A 190 -21.89 -9.82 11.92
N SER A 191 -22.20 -10.61 12.94
CA SER A 191 -21.90 -10.31 14.35
C SER A 191 -20.42 -10.43 14.71
N ILE A 192 -19.88 -9.39 15.36
CA ILE A 192 -18.56 -9.45 16.01
C ILE A 192 -18.70 -9.59 17.53
N THR A 193 -19.43 -8.68 18.16
CA THR A 193 -19.68 -8.70 19.59
C THR A 193 -21.16 -8.57 19.94
N ALA A 194 -22.02 -8.26 18.99
CA ALA A 194 -23.42 -8.00 19.29
C ALA A 194 -24.16 -9.24 19.78
N LEU A 195 -23.67 -10.43 19.46
CA LEU A 195 -24.39 -11.62 19.88
C LEU A 195 -23.45 -12.63 20.51
N PRO A 196 -23.91 -13.33 21.55
CA PRO A 196 -23.09 -14.36 22.19
C PRO A 196 -22.83 -15.50 21.23
N ALA A 197 -21.87 -16.36 21.59
CA ALA A 197 -21.49 -17.44 20.68
C ALA A 197 -22.62 -18.43 20.44
N ASP A 198 -23.41 -18.73 21.48
CA ASP A 198 -24.45 -19.75 21.34
C ASP A 198 -25.63 -19.24 20.54
N GLU A 199 -26.03 -17.99 20.75
CA GLU A 199 -27.07 -17.39 19.93
C GLU A 199 -26.63 -17.24 18.48
N VAL A 200 -25.33 -17.05 18.24
CA VAL A 200 -24.81 -16.94 16.87
C VAL A 200 -24.89 -18.27 16.13
N ALA A 201 -24.48 -19.35 16.79
CA ALA A 201 -24.52 -20.69 16.21
C ALA A 201 -25.96 -21.16 16.01
N VAL A 202 -26.84 -20.84 16.98
CA VAL A 202 -28.24 -21.22 16.88
C VAL A 202 -28.90 -20.55 15.69
N ARG A 203 -28.63 -19.27 15.51
CA ARG A 203 -29.18 -18.55 14.38
C ARG A 203 -28.61 -19.08 13.07
N ILE A 204 -27.34 -19.47 13.06
CA ILE A 204 -26.71 -19.94 11.83
C ILE A 204 -27.35 -21.24 11.37
N GLU A 205 -27.57 -22.17 12.29
CA GLU A 205 -28.20 -23.44 11.94
C GLU A 205 -29.64 -23.22 11.49
N ALA A 206 -30.36 -22.31 12.14
CA ALA A 206 -31.74 -22.05 11.80
C ALA A 206 -31.87 -21.55 10.37
N MET A 207 -30.96 -20.66 9.96
CA MET A 207 -30.94 -20.15 8.59
C MET A 207 -30.59 -21.24 7.60
N TYR A 208 -29.66 -22.12 7.96
CA TYR A 208 -29.31 -23.23 7.08
C TYR A 208 -30.44 -24.24 6.94
N GLY A 209 -31.26 -24.39 7.99
CA GLY A 209 -32.41 -25.27 7.92
C GLY A 209 -33.53 -24.71 7.08
N TYR A 210 -33.80 -23.41 7.21
CA TYR A 210 -34.82 -22.74 6.39
C TYR A 210 -34.41 -22.69 4.93
N ILE A 211 -33.12 -22.48 4.64
CA ILE A 211 -32.61 -22.53 3.27
C ILE A 211 -32.85 -23.91 2.66
N ALA A 212 -32.68 -24.97 3.48
CA ALA A 212 -32.99 -26.34 3.06
C ALA A 212 -34.49 -26.51 2.80
N GLU A 213 -35.32 -25.92 3.66
CA GLU A 213 -36.75 -25.86 3.45
C GLU A 213 -37.08 -25.27 2.07
N LEU A 214 -36.27 -24.30 1.62
CA LEU A 214 -36.44 -23.70 0.27
C LEU A 214 -35.94 -24.60 -0.85
N VAL A 215 -34.82 -25.28 -0.65
CA VAL A 215 -34.26 -26.16 -1.68
C VAL A 215 -35.14 -27.41 -1.89
N ALA A 216 -35.85 -27.84 -0.85
CA ALA A 216 -36.76 -28.98 -1.00
C ALA A 216 -37.82 -28.66 -2.06
N LEU A 217 -38.36 -27.45 -2.01
CA LEU A 217 -39.43 -27.03 -2.91
C LEU A 217 -38.98 -27.00 -4.36
N ARG A 218 -37.69 -26.85 -4.62
CA ARG A 218 -37.20 -26.78 -5.99
C ARG A 218 -36.96 -28.16 -6.59
N ARG A 219 -36.89 -29.20 -5.77
CA ARG A 219 -36.76 -30.56 -6.27
C ARG A 219 -38.09 -31.06 -6.82
N ALA A 220 -39.15 -30.88 -6.04
CA ALA A 220 -40.50 -31.23 -6.48
C ALA A 220 -41.11 -30.14 -7.36
N GLU A 221 -40.87 -28.86 -7.05
CA GLU A 221 -41.52 -27.75 -7.74
C GLU A 221 -40.47 -26.76 -8.24
N PRO A 222 -39.81 -27.07 -9.35
CA PRO A 222 -38.80 -26.15 -9.91
C PRO A 222 -39.31 -24.72 -10.08
N THR A 223 -38.42 -23.76 -9.82
CA THR A 223 -38.74 -22.35 -9.90
C THR A 223 -37.83 -21.63 -10.88
N GLU A 224 -38.33 -20.50 -11.38
CA GLU A 224 -37.61 -19.63 -12.30
C GLU A 224 -37.03 -18.50 -11.45
N ASP A 225 -35.82 -18.69 -10.97
CA ASP A 225 -35.11 -17.74 -10.14
C ASP A 225 -33.71 -18.30 -9.96
N LEU A 226 -32.86 -17.55 -9.24
CA LEU A 226 -31.51 -18.04 -9.02
C LEU A 226 -31.55 -19.34 -8.22
N LEU A 227 -32.48 -19.45 -7.27
CA LEU A 227 -32.62 -20.66 -6.45
C LEU A 227 -33.09 -21.87 -7.27
N GLY A 228 -34.09 -21.68 -8.14
CA GLY A 228 -34.51 -22.79 -8.97
C GLY A 228 -33.41 -23.30 -9.89
N GLY A 229 -32.59 -22.39 -10.42
CA GLY A 229 -31.55 -22.75 -11.36
C GLY A 229 -30.36 -23.48 -10.77
N LEU A 230 -29.97 -23.16 -9.53
CA LEU A 230 -28.77 -23.78 -8.96
C LEU A 230 -29.04 -25.16 -8.33
N VAL A 231 -30.23 -25.39 -7.75
CA VAL A 231 -30.59 -26.75 -7.34
C VAL A 231 -30.57 -27.67 -8.54
N ARG A 232 -31.05 -27.19 -9.69
CA ARG A 232 -31.03 -27.97 -10.93
C ARG A 232 -29.62 -28.31 -11.34
N ALA A 233 -28.67 -27.40 -11.15
CA ALA A 233 -27.29 -27.72 -11.47
C ALA A 233 -26.74 -28.81 -10.55
N ARG A 234 -27.22 -28.86 -9.31
CA ARG A 234 -26.80 -29.89 -8.35
C ARG A 234 -27.40 -31.24 -8.70
N ASP A 235 -28.73 -31.29 -8.90
CA ASP A 235 -29.43 -32.53 -9.22
C ASP A 235 -29.09 -33.01 -10.63
N ARG A 236 -29.02 -32.08 -11.60
CA ARG A 236 -28.81 -32.44 -13.00
C ARG A 236 -27.34 -32.49 -13.41
N ASP A 237 -26.51 -31.58 -12.92
CA ASP A 237 -25.11 -31.57 -13.33
C ASP A 237 -24.14 -32.01 -12.25
N GLY A 238 -24.57 -32.08 -10.99
CA GLY A 238 -23.63 -32.35 -9.93
C GLY A 238 -22.57 -31.28 -9.80
N SER A 239 -22.87 -30.04 -10.20
CA SER A 239 -21.91 -28.95 -10.21
C SER A 239 -21.52 -28.52 -8.80
N CYS A 240 -22.37 -28.81 -7.82
CA CYS A 240 -22.07 -28.43 -6.46
C CYS A 240 -22.68 -29.47 -5.53
N SER A 241 -22.17 -29.51 -4.30
CA SER A 241 -22.66 -30.37 -3.24
C SER A 241 -23.89 -29.76 -2.59
N GLU A 242 -24.52 -30.49 -1.67
CA GLU A 242 -25.70 -29.93 -1.00
C GLU A 242 -25.33 -28.85 0.00
N GLU A 243 -24.21 -29.04 0.70
CA GLU A 243 -23.71 -27.99 1.58
C GLU A 243 -23.25 -26.81 0.75
N GLU A 244 -22.56 -27.09 -0.36
CA GLU A 244 -22.16 -26.06 -1.31
C GLU A 244 -23.36 -25.29 -1.88
N LEU A 245 -24.46 -26.00 -2.16
CA LEU A 245 -25.66 -25.35 -2.69
C LEU A 245 -26.23 -24.39 -1.67
N VAL A 246 -26.36 -24.85 -0.41
CA VAL A 246 -26.85 -24.04 0.70
C VAL A 246 -25.92 -22.86 0.97
N ASP A 247 -24.61 -23.04 0.76
CA ASP A 247 -23.64 -21.98 1.04
C ASP A 247 -23.82 -20.81 0.08
N LEU A 248 -23.93 -21.10 -1.22
CA LEU A 248 -24.16 -20.06 -2.21
C LEU A 248 -25.46 -19.33 -1.95
N ALA A 249 -26.52 -20.08 -1.64
CA ALA A 249 -27.80 -19.44 -1.35
C ALA A 249 -27.72 -18.53 -0.15
N ASN A 250 -26.98 -18.95 0.88
CA ASN A 250 -26.88 -18.17 2.12
C ASN A 250 -26.13 -16.86 1.91
N VAL A 251 -24.94 -16.90 1.29
CA VAL A 251 -24.14 -15.68 1.12
C VAL A 251 -24.79 -14.68 0.19
N LEU A 252 -25.55 -15.13 -0.81
CA LEU A 252 -26.26 -14.17 -1.65
C LEU A 252 -27.45 -13.54 -0.92
N LEU A 253 -28.08 -14.23 0.03
CA LEU A 253 -29.11 -13.57 0.82
C LEU A 253 -28.49 -12.62 1.83
N LEU A 254 -27.36 -13.01 2.42
CA LEU A 254 -26.66 -12.15 3.36
C LEU A 254 -26.20 -10.89 2.65
N ALA A 255 -25.59 -11.05 1.49
CA ALA A 255 -25.06 -9.94 0.72
C ALA A 255 -26.17 -9.02 0.20
N GLY A 256 -27.18 -9.57 -0.48
CA GLY A 256 -28.21 -8.75 -1.07
C GLY A 256 -29.12 -8.11 -0.03
N TYR A 257 -29.57 -8.89 0.95
CA TYR A 257 -30.58 -8.39 1.91
C TYR A 257 -29.98 -7.40 2.90
N HIS A 258 -28.76 -7.65 3.38
CA HIS A 258 -28.18 -6.87 4.45
C HIS A 258 -26.95 -6.07 4.04
N THR A 259 -25.95 -6.69 3.39
CA THR A 259 -24.74 -5.94 3.06
C THR A 259 -25.06 -4.78 2.13
N THR A 260 -25.94 -5.00 1.17
CA THR A 260 -26.31 -3.93 0.23
C THR A 260 -27.07 -2.81 0.93
N ALA A 261 -28.02 -3.16 1.80
CA ALA A 261 -28.80 -2.14 2.49
C ALA A 261 -27.92 -1.29 3.40
N SER A 262 -26.91 -1.91 4.02
CA SER A 262 -26.00 -1.19 4.89
C SER A 262 -25.24 -0.12 4.13
N GLN A 263 -24.71 -0.48 2.96
CA GLN A 263 -24.03 0.48 2.09
C GLN A 263 -24.98 1.55 1.56
N LEU A 264 -26.23 1.18 1.28
CA LEU A 264 -27.18 2.19 0.81
C LEU A 264 -27.58 3.13 1.95
N ALA A 265 -27.82 2.61 3.16
CA ALA A 265 -28.15 3.50 4.29
C ALA A 265 -26.96 4.36 4.67
N SER A 266 -25.75 3.82 4.54
CA SER A 266 -24.55 4.58 4.85
C SER A 266 -24.34 5.68 3.82
N SER A 267 -24.47 5.35 2.54
CA SER A 267 -24.38 6.33 1.48
C SER A 267 -25.46 7.38 1.56
N LEU A 268 -26.68 7.01 1.95
CA LEU A 268 -27.69 8.03 2.17
C LEU A 268 -27.35 8.90 3.37
N PHE A 269 -26.75 8.31 4.41
CA PHE A 269 -26.31 9.10 5.56
C PHE A 269 -25.20 10.09 5.18
N VAL A 270 -24.26 9.65 4.32
CA VAL A 270 -23.18 10.52 3.87
C VAL A 270 -23.73 11.72 3.11
N LEU A 271 -24.68 11.47 2.20
CA LEU A 271 -25.24 12.55 1.40
C LEU A 271 -26.11 13.49 2.23
N LEU A 272 -26.78 12.97 3.25
CA LEU A 272 -27.62 13.82 4.09
C LEU A 272 -26.81 14.69 5.05
N THR A 273 -25.63 14.24 5.47
CA THR A 273 -24.78 15.02 6.36
C THR A 273 -23.77 15.93 5.62
N GLN A 274 -23.49 15.67 4.35
CA GLN A 274 -22.70 16.55 3.50
C GLN A 274 -23.61 17.02 2.37
N PRO A 275 -24.58 17.90 2.68
CA PRO A 275 -25.72 18.14 1.77
C PRO A 275 -25.41 18.75 0.42
N GLU A 276 -24.31 19.49 0.26
CA GLU A 276 -24.00 20.00 -1.07
C GLU A 276 -23.62 18.85 -2.01
N HIS A 277 -23.06 17.76 -1.48
CA HIS A 277 -22.78 16.61 -2.33
C HIS A 277 -24.09 15.95 -2.76
N ALA A 278 -25.08 15.96 -1.87
CA ALA A 278 -26.42 15.58 -2.24
C ALA A 278 -27.01 16.54 -3.28
N GLU A 279 -26.78 17.84 -3.09
CA GLU A 279 -27.36 18.83 -4.00
C GLU A 279 -26.67 18.85 -5.36
N LEU A 280 -25.37 18.57 -5.41
CA LEU A 280 -24.70 18.46 -6.71
C LEU A 280 -25.17 17.24 -7.49
N LEU A 281 -25.38 16.10 -6.80
CA LEU A 281 -25.93 14.93 -7.48
C LEU A 281 -27.35 15.19 -7.95
N ARG A 282 -28.14 15.91 -7.15
CA ARG A 282 -29.51 16.20 -7.53
C ARG A 282 -29.60 17.10 -8.77
N SER A 283 -28.87 18.22 -8.75
CA SER A 283 -28.93 19.21 -9.83
C SER A 283 -28.29 18.73 -11.12
N ARG A 284 -27.23 17.92 -11.06
CA ARG A 284 -26.71 17.24 -12.25
C ARG A 284 -26.70 15.75 -11.91
N PRO A 285 -27.83 15.05 -12.13
CA PRO A 285 -27.92 13.64 -11.72
C PRO A 285 -27.15 12.68 -12.58
N GLU A 286 -26.60 13.09 -13.71
CA GLU A 286 -25.86 12.21 -14.61
C GLU A 286 -24.47 11.86 -14.08
N LEU A 287 -24.17 12.24 -12.84
CA LEU A 287 -22.95 11.84 -12.13
C LEU A 287 -23.11 10.53 -11.36
N ALA A 288 -24.27 9.87 -11.47
CA ALA A 288 -24.59 8.73 -10.60
C ALA A 288 -23.63 7.53 -10.64
N PRO A 289 -23.04 7.13 -11.78
CA PRO A 289 -22.07 6.02 -11.73
C PRO A 289 -20.80 6.32 -10.94
N ARG A 290 -20.24 7.51 -11.11
CA ARG A 290 -19.09 7.92 -10.30
C ARG A 290 -19.50 8.15 -8.85
N ALA A 291 -20.65 8.80 -8.64
CA ALA A 291 -21.11 9.07 -7.29
C ALA A 291 -21.34 7.79 -6.50
N VAL A 292 -21.82 6.72 -7.16
CA VAL A 292 -21.99 5.42 -6.51
C VAL A 292 -20.63 4.79 -6.22
N GLU A 293 -19.70 4.87 -7.17
CA GLU A 293 -18.35 4.36 -6.95
C GLU A 293 -17.68 5.10 -5.80
N GLU A 294 -17.77 6.43 -5.82
CA GLU A 294 -17.21 7.23 -4.76
C GLU A 294 -17.84 6.89 -3.42
N LEU A 295 -19.15 6.66 -3.40
CA LEU A 295 -19.83 6.30 -2.17
C LEU A 295 -19.40 4.93 -1.65
N LEU A 296 -19.04 4.01 -2.54
CA LEU A 296 -18.51 2.71 -2.11
C LEU A 296 -17.11 2.85 -1.55
N ARG A 297 -16.30 3.72 -2.16
CA ARG A 297 -14.94 3.99 -1.72
C ARG A 297 -14.92 4.75 -0.38
N TYR A 298 -15.67 5.84 -0.30
CA TYR A 298 -15.65 6.72 0.87
C TYR A 298 -16.33 6.12 2.09
N VAL A 299 -17.51 5.51 1.91
CA VAL A 299 -18.06 4.93 3.14
C VAL A 299 -17.22 3.72 3.54
N PRO A 300 -16.75 3.64 4.79
CA PRO A 300 -15.97 2.45 5.19
C PRO A 300 -16.93 1.37 5.67
N LEU A 301 -17.58 0.73 4.70
CA LEU A 301 -18.66 -0.23 4.99
C LEU A 301 -18.18 -1.32 5.93
N ILE A 302 -17.03 -1.91 5.61
CA ILE A 302 -16.43 -2.91 6.48
C ILE A 302 -16.12 -2.27 7.83
N ALA A 303 -16.62 -2.89 8.90
CA ALA A 303 -16.34 -2.37 10.23
C ALA A 303 -14.84 -2.29 10.46
N HIS A 304 -14.08 -3.31 10.04
CA HIS A 304 -12.63 -3.26 10.18
C HIS A 304 -11.88 -3.91 9.02
N VAL A 305 -11.95 -5.24 8.94
CA VAL A 305 -11.24 -5.99 7.91
C VAL A 305 -12.23 -6.92 7.23
N THR A 306 -11.83 -7.35 6.04
CA THR A 306 -12.49 -8.40 5.28
C THR A 306 -11.88 -9.75 5.69
N PHE A 307 -12.27 -10.82 4.99
CA PHE A 307 -11.85 -12.17 5.36
C PHE A 307 -10.34 -12.37 5.29
N ALA A 308 -9.81 -13.13 6.24
CA ALA A 308 -8.37 -13.37 6.33
C ALA A 308 -7.87 -14.26 5.19
N ARG A 309 -6.66 -13.99 4.73
CA ARG A 309 -5.96 -14.89 3.82
C ARG A 309 -4.75 -15.46 4.54
N TYR A 310 -4.36 -16.68 4.20
CA TYR A 310 -3.17 -17.30 4.75
C TYR A 310 -2.17 -17.55 3.63
N ALA A 311 -0.94 -17.07 3.83
CA ALA A 311 0.10 -17.30 2.86
C ALA A 311 0.33 -18.80 2.70
N THR A 312 0.38 -19.26 1.45
CA THR A 312 0.75 -20.64 1.18
C THR A 312 2.23 -20.77 0.89
N GLU A 313 2.91 -19.62 0.84
CA GLU A 313 4.36 -19.56 0.78
C GLU A 313 4.75 -18.20 1.34
N ASP A 314 6.05 -17.92 1.32
CA ASP A 314 6.53 -16.65 1.88
C ASP A 314 6.27 -15.53 0.87
N VAL A 315 5.57 -14.49 1.32
CA VAL A 315 5.35 -13.29 0.52
C VAL A 315 5.90 -12.09 1.28
N TRP A 316 6.82 -11.35 0.67
CA TRP A 316 7.32 -10.14 1.30
C TRP A 316 6.45 -8.98 0.85
N LEU A 317 5.81 -8.32 1.82
CA LEU A 317 5.01 -7.13 1.59
C LEU A 317 4.92 -6.37 2.90
N GLY A 318 4.75 -5.05 2.81
CA GLY A 318 4.64 -4.23 4.00
C GLY A 318 5.83 -4.34 4.91
N GLY A 319 7.02 -4.48 4.34
CA GLY A 319 8.24 -4.61 5.13
C GLY A 319 8.31 -5.87 5.96
N THR A 320 7.43 -6.84 5.69
CA THR A 320 7.26 -8.06 6.46
C THR A 320 7.41 -9.25 5.52
N LEU A 321 8.18 -10.24 5.93
CA LEU A 321 8.17 -11.53 5.26
C LEU A 321 7.06 -12.33 5.94
N VAL A 322 5.89 -12.35 5.32
CA VAL A 322 4.81 -13.21 5.77
C VAL A 322 5.18 -14.61 5.35
N ARG A 323 5.22 -15.52 6.32
CA ARG A 323 5.65 -16.90 6.11
C ARG A 323 4.48 -17.82 5.75
N ALA A 324 4.81 -19.01 5.21
CA ALA A 324 3.77 -19.98 4.87
C ALA A 324 2.90 -20.27 6.09
N GLY A 325 1.58 -20.19 5.92
CA GLY A 325 0.67 -20.46 7.02
C GLY A 325 0.24 -19.25 7.84
N GLU A 326 0.87 -18.10 7.61
CA GLU A 326 0.55 -16.89 8.38
C GLU A 326 -0.66 -16.15 7.80
N ALA A 327 -1.49 -15.60 8.67
CA ALA A 327 -2.67 -14.83 8.25
C ALA A 327 -2.36 -13.35 7.98
N VAL A 328 -3.05 -12.80 6.98
CA VAL A 328 -3.08 -11.36 6.69
C VAL A 328 -4.54 -10.95 6.74
N LEU A 329 -4.83 -9.77 7.30
CA LEU A 329 -6.20 -9.28 7.38
C LEU A 329 -6.31 -8.04 6.54
N PRO A 330 -7.15 -8.04 5.50
CA PRO A 330 -7.20 -6.90 4.57
C PRO A 330 -8.09 -5.80 5.11
N ALA A 331 -7.49 -4.67 5.46
CA ALA A 331 -8.25 -3.50 5.89
C ALA A 331 -8.57 -2.73 4.62
N VAL A 332 -9.65 -3.12 3.97
CA VAL A 332 -10.09 -2.56 2.68
C VAL A 332 -10.49 -1.09 2.81
N PRO A 333 -11.23 -0.65 3.84
CA PRO A 333 -11.54 0.79 3.91
C PRO A 333 -10.31 1.67 4.03
N SER A 334 -9.31 1.24 4.80
CA SER A 334 -8.03 1.95 4.84
C SER A 334 -7.42 2.03 3.46
N ALA A 335 -7.47 0.92 2.70
CA ALA A 335 -7.00 0.90 1.33
C ALA A 335 -7.85 1.79 0.41
N ASN A 336 -9.08 2.10 0.81
CA ASN A 336 -9.96 3.00 0.07
C ASN A 336 -9.62 4.47 0.28
N ARG A 337 -8.81 4.79 1.29
CA ARG A 337 -8.39 6.15 1.57
C ARG A 337 -6.93 6.36 1.23
N ASP A 338 -6.36 5.47 0.44
CA ASP A 338 -4.92 5.52 0.20
C ASP A 338 -4.56 6.68 -0.71
N ALA A 339 -3.76 7.61 -0.17
CA ALA A 339 -3.44 8.87 -0.84
C ALA A 339 -2.50 8.72 -2.03
N GLU A 340 -1.74 7.64 -2.10
CA GLU A 340 -0.93 7.39 -3.29
C GLU A 340 -1.77 6.90 -4.45
N VAL A 341 -3.07 6.68 -4.21
CA VAL A 341 -4.01 6.14 -5.18
C VAL A 341 -5.16 7.11 -5.45
N PHE A 342 -5.79 7.62 -4.40
CA PHE A 342 -6.85 8.61 -4.53
C PHE A 342 -6.31 9.94 -4.04
N ASP A 343 -6.47 11.00 -4.84
CA ASP A 343 -6.12 12.33 -4.35
C ASP A 343 -7.23 12.90 -3.50
N GLU A 344 -6.84 13.56 -2.41
CA GLU A 344 -7.75 14.09 -1.40
C GLU A 344 -8.73 13.00 -0.96
N PRO A 345 -8.22 11.82 -0.57
CA PRO A 345 -9.09 10.64 -0.37
C PRO A 345 -10.01 10.75 0.81
N ASP A 346 -9.79 11.69 1.71
CA ASP A 346 -10.64 11.80 2.89
C ASP A 346 -11.80 12.74 2.64
N ARG A 347 -11.90 13.24 1.41
CA ARG A 347 -12.96 14.13 0.96
C ARG A 347 -13.73 13.47 -0.16
N LEU A 348 -15.06 13.44 0.00
CA LEU A 348 -15.98 12.78 -0.94
C LEU A 348 -16.07 13.55 -2.25
N ASP A 349 -15.67 12.92 -3.35
CA ASP A 349 -15.74 13.52 -4.68
C ASP A 349 -16.63 12.70 -5.62
N LEU A 350 -17.94 12.99 -5.59
CA LEU A 350 -18.90 12.28 -6.44
C LEU A 350 -18.58 12.38 -7.92
N THR A 351 -17.70 13.28 -8.31
CA THR A 351 -17.34 13.48 -9.70
C THR A 351 -16.08 12.72 -10.08
N ARG A 352 -15.47 12.00 -9.14
CA ARG A 352 -14.24 11.27 -9.43
C ARG A 352 -14.47 10.27 -10.56
N ARG A 353 -13.68 10.38 -11.63
CA ARG A 353 -13.92 9.54 -12.80
C ARG A 353 -13.28 8.16 -12.66
N HIS A 354 -11.95 8.12 -12.56
CA HIS A 354 -11.22 6.88 -12.32
C HIS A 354 -11.24 6.64 -10.81
N ASN A 355 -11.91 5.56 -10.39
CA ASN A 355 -12.13 5.27 -8.98
C ASN A 355 -11.78 3.80 -8.70
N PRO A 356 -10.48 3.45 -8.68
CA PRO A 356 -10.08 2.05 -8.48
C PRO A 356 -10.10 1.63 -7.02
N HIS A 357 -11.26 1.78 -6.40
CA HIS A 357 -11.47 1.40 -5.02
C HIS A 357 -11.58 -0.12 -4.88
N LEU A 358 -11.48 -0.59 -3.63
CA LEU A 358 -11.55 -2.00 -3.32
C LEU A 358 -12.78 -2.33 -2.47
N ALA A 359 -13.84 -1.52 -2.55
CA ALA A 359 -15.07 -1.77 -1.82
C ALA A 359 -15.81 -3.04 -2.26
N PHE A 360 -15.53 -3.53 -3.48
CA PHE A 360 -16.09 -4.77 -4.01
C PHE A 360 -15.04 -5.87 -4.02
N GLY A 361 -13.89 -5.62 -3.44
CA GLY A 361 -12.80 -6.54 -3.43
C GLY A 361 -11.91 -6.27 -4.62
N HIS A 362 -11.02 -7.21 -4.86
CA HIS A 362 -10.10 -7.08 -5.97
C HIS A 362 -9.82 -8.47 -6.50
N GLY A 363 -9.78 -8.58 -7.82
CA GLY A 363 -9.43 -9.83 -8.49
C GLY A 363 -10.43 -10.95 -8.27
N LEU A 364 -9.89 -12.11 -7.84
CA LEU A 364 -10.59 -13.38 -7.87
C LEU A 364 -11.91 -13.33 -7.10
N HIS A 365 -11.91 -12.75 -5.89
CA HIS A 365 -13.12 -12.69 -5.07
C HIS A 365 -13.83 -11.33 -5.16
N HIS A 366 -13.61 -10.61 -6.27
CA HIS A 366 -14.29 -9.33 -6.47
C HIS A 366 -15.79 -9.56 -6.41
N CYS A 367 -16.47 -8.64 -5.77
CA CYS A 367 -17.88 -8.82 -5.42
C CYS A 367 -18.73 -9.21 -6.62
N LEU A 368 -19.42 -10.34 -6.48
CA LEU A 368 -20.31 -10.83 -7.53
C LEU A 368 -21.45 -9.86 -7.78
N GLY A 369 -22.03 -9.34 -6.72
CA GLY A 369 -23.12 -8.39 -6.85
C GLY A 369 -22.59 -6.99 -7.09
N ALA A 370 -21.39 -6.86 -7.69
CA ALA A 370 -20.84 -5.53 -7.94
C ALA A 370 -21.82 -4.71 -8.75
N SER A 371 -22.23 -5.26 -9.90
CA SER A 371 -23.17 -4.62 -10.80
C SER A 371 -24.57 -4.48 -10.20
N LEU A 372 -25.02 -5.47 -9.42
CA LEU A 372 -26.37 -5.34 -8.84
C LEU A 372 -26.44 -4.17 -7.86
N VAL A 373 -25.34 -3.90 -7.15
CA VAL A 373 -25.28 -2.76 -6.24
C VAL A 373 -25.27 -1.47 -7.04
N ARG A 374 -24.48 -1.44 -8.11
CA ARG A 374 -24.42 -0.24 -8.94
C ARG A 374 -25.78 0.11 -9.49
N VAL A 375 -26.49 -0.86 -10.09
CA VAL A 375 -27.79 -0.58 -10.65
C VAL A 375 -28.77 -0.22 -9.55
N GLN A 376 -28.72 -0.94 -8.41
CA GLN A 376 -29.58 -0.64 -7.26
C GLN A 376 -29.26 0.72 -6.63
N MET A 377 -27.97 1.07 -6.55
CA MET A 377 -27.56 2.34 -5.95
C MET A 377 -27.86 3.53 -6.87
N GLU A 378 -27.38 3.45 -8.12
CA GLU A 378 -27.58 4.55 -9.05
C GLU A 378 -29.06 4.83 -9.30
N VAL A 379 -29.88 3.79 -9.40
CA VAL A 379 -31.31 4.02 -9.60
C VAL A 379 -31.94 4.66 -8.36
N ALA A 380 -31.57 4.18 -7.16
CA ALA A 380 -32.19 4.61 -5.91
C ALA A 380 -31.78 6.02 -5.50
N LEU A 381 -30.49 6.36 -5.58
CA LEU A 381 -30.08 7.71 -5.18
C LEU A 381 -30.72 8.74 -6.07
N THR A 382 -30.72 8.46 -7.37
CA THR A 382 -31.21 9.40 -8.37
C THR A 382 -32.68 9.72 -8.15
N MET A 383 -33.51 8.68 -8.01
CA MET A 383 -34.94 8.90 -7.78
C MET A 383 -35.24 9.49 -6.40
N LEU A 384 -34.46 9.14 -5.37
CA LEU A 384 -34.70 9.76 -4.07
C LEU A 384 -34.46 11.26 -4.16
N LEU A 385 -33.37 11.65 -4.83
CA LEU A 385 -33.05 13.04 -5.12
C LEU A 385 -34.03 13.66 -6.10
N GLY A 386 -34.35 12.96 -7.19
CA GLY A 386 -35.25 13.54 -8.18
C GLY A 386 -36.63 13.82 -7.60
N ARG A 387 -37.14 12.90 -6.80
CA ARG A 387 -38.48 13.06 -6.23
C ARG A 387 -38.52 13.88 -4.96
N PHE A 388 -37.41 13.97 -4.21
CA PHE A 388 -37.33 14.75 -2.97
C PHE A 388 -36.15 15.72 -3.01
N PRO A 389 -36.33 16.89 -3.64
CA PRO A 389 -35.22 17.85 -3.74
C PRO A 389 -34.95 18.66 -2.48
N ASP A 390 -35.86 18.66 -1.53
CA ASP A 390 -35.77 19.41 -0.29
C ASP A 390 -35.43 18.50 0.89
N LEU A 391 -34.98 17.27 0.60
CA LEU A 391 -34.80 16.22 1.60
C LEU A 391 -33.61 16.47 2.53
N ALA A 392 -33.88 16.50 3.84
CA ALA A 392 -32.85 16.67 4.87
C ALA A 392 -33.16 15.77 6.07
N LEU A 393 -32.12 15.50 6.87
CA LEU A 393 -32.27 14.72 8.10
C LEU A 393 -33.23 15.38 9.10
N ALA A 394 -34.02 14.57 9.79
CA ALA A 394 -34.95 15.07 10.80
C ALA A 394 -34.41 15.01 12.23
N ALA A 395 -33.22 14.46 12.43
CA ALA A 395 -32.54 14.42 13.71
C ALA A 395 -31.09 14.81 13.46
N PRO A 396 -30.41 15.38 14.45
CA PRO A 396 -29.03 15.82 14.21
C PRO A 396 -28.16 14.67 13.75
N PRO A 397 -27.17 14.93 12.88
CA PRO A 397 -26.43 13.81 12.27
C PRO A 397 -25.81 12.88 13.28
N ASP A 398 -25.46 13.39 14.46
CA ASP A 398 -24.92 12.57 15.54
C ASP A 398 -26.02 11.79 16.25
N GLU A 399 -27.26 12.24 16.12
CA GLU A 399 -28.38 11.59 16.78
C GLU A 399 -28.95 10.46 15.98
N VAL A 400 -28.36 10.17 14.81
CA VAL A 400 -28.79 9.07 13.93
C VAL A 400 -28.19 7.81 14.54
N PRO A 401 -28.99 6.85 14.98
CA PRO A 401 -28.41 5.64 15.60
C PRO A 401 -27.72 4.77 14.58
N TRP A 402 -26.61 4.15 15.00
CA TRP A 402 -25.78 3.29 14.15
C TRP A 402 -25.66 1.88 14.73
N THR A 403 -25.50 0.90 13.83
CA THR A 403 -25.28 -0.47 14.28
C THR A 403 -23.93 -0.60 14.97
N ARG A 404 -23.88 -1.46 15.99
CA ARG A 404 -22.57 -1.80 16.54
C ARG A 404 -22.46 -3.25 16.96
N GLY A 405 -21.23 -3.74 16.88
CA GLY A 405 -20.86 -5.12 17.07
C GLY A 405 -21.18 -5.93 15.85
N MET A 406 -21.21 -5.28 14.69
CA MET A 406 -21.54 -5.88 13.41
C MET A 406 -20.43 -5.63 12.40
N GLN A 407 -20.30 -6.56 11.47
CA GLN A 407 -19.22 -6.57 10.49
C GLN A 407 -19.36 -5.49 9.42
N ALA A 408 -20.54 -4.91 9.26
CA ALA A 408 -20.76 -3.86 8.28
C ALA A 408 -21.46 -2.69 8.96
N ARG A 409 -21.02 -1.46 8.66
CA ARG A 409 -21.57 -0.27 9.27
C ARG A 409 -22.87 0.14 8.58
N SER A 410 -23.84 0.59 9.37
CA SER A 410 -25.05 1.18 8.82
C SER A 410 -25.75 1.99 9.88
N PRO A 411 -26.46 3.03 9.51
CA PRO A 411 -27.42 3.62 10.44
C PRO A 411 -28.51 2.64 10.77
N LEU A 412 -28.97 2.67 12.02
CA LEU A 412 -30.12 1.86 12.38
C LEU A 412 -31.40 2.50 11.87
N ARG A 413 -31.44 3.83 11.84
CA ARG A 413 -32.55 4.59 11.29
C ARG A 413 -31.94 5.73 10.50
N LEU A 414 -32.71 6.24 9.55
CA LEU A 414 -32.37 7.44 8.77
C LEU A 414 -33.62 8.30 8.71
N PRO A 415 -33.90 9.06 9.77
CA PRO A 415 -35.09 9.92 9.77
C PRO A 415 -34.90 11.08 8.81
N VAL A 416 -35.83 11.24 7.86
CA VAL A 416 -35.70 12.29 6.85
C VAL A 416 -37.00 13.08 6.71
N THR A 417 -36.87 14.25 6.07
CA THR A 417 -37.94 15.20 5.81
C THR A 417 -37.66 15.85 4.46
N TRP A 418 -38.70 16.42 3.83
CA TRP A 418 -38.51 16.89 2.47
C TRP A 418 -39.45 18.00 2.02
N THR B 24 19.47 27.30 23.89
CA THR B 24 20.14 26.57 22.81
C THR B 24 21.53 26.11 23.24
N PRO B 25 21.79 24.81 23.21
CA PRO B 25 23.12 24.33 23.64
C PRO B 25 24.20 24.76 22.64
N ALA B 26 25.42 24.76 23.12
CA ALA B 26 26.55 25.14 22.27
C ALA B 26 26.71 24.10 21.17
N PRO B 27 26.75 24.50 19.90
CA PRO B 27 26.80 23.53 18.81
C PRO B 27 28.01 22.62 18.86
N VAL B 28 27.77 21.31 18.73
CA VAL B 28 28.83 20.33 18.62
C VAL B 28 29.16 20.18 17.14
N ARG B 29 30.44 20.13 16.81
CA ARG B 29 30.85 19.94 15.42
C ARG B 29 30.32 18.60 14.92
N TYR B 30 29.61 18.64 13.79
CA TYR B 30 29.09 17.47 13.12
C TYR B 30 29.45 17.53 11.64
N PRO B 31 29.81 16.42 10.98
CA PRO B 31 29.87 15.03 11.47
C PRO B 31 31.01 14.75 12.44
N PHE B 32 30.83 13.67 13.21
CA PHE B 32 31.75 13.28 14.28
C PHE B 32 33.11 12.87 13.77
N GLY B 33 33.21 12.52 12.49
CA GLY B 33 34.47 12.15 11.87
C GLY B 33 34.19 11.49 10.54
N GLU B 34 35.26 11.03 9.90
CA GLU B 34 35.12 10.29 8.66
C GLU B 34 34.25 9.08 8.88
N ALA B 35 33.34 8.81 7.94
CA ALA B 35 32.63 7.53 7.98
C ALA B 35 33.59 6.46 7.50
N VAL B 36 33.86 5.48 8.36
CA VAL B 36 34.91 4.49 8.14
C VAL B 36 34.26 3.13 7.92
N ARG B 37 34.55 2.53 6.77
CA ARG B 37 34.01 1.24 6.38
C ARG B 37 32.50 1.33 6.62
N LEU B 38 31.89 0.39 7.35
CA LEU B 38 30.47 0.46 7.65
C LEU B 38 30.22 0.67 9.14
N ASP B 39 31.18 1.27 9.84
CA ASP B 39 31.06 1.41 11.29
C ASP B 39 30.36 2.73 11.60
N LEU B 40 29.45 2.68 12.56
CA LEU B 40 28.72 3.86 12.99
C LEU B 40 29.36 4.40 14.26
N HIS B 41 29.52 5.72 14.30
CA HIS B 41 30.23 6.38 15.38
C HIS B 41 29.55 6.12 16.71
N PRO B 42 30.33 5.97 17.80
CA PRO B 42 29.76 5.67 19.13
C PRO B 42 28.69 6.63 19.65
N THR B 43 28.68 7.86 19.16
CA THR B 43 27.78 8.87 19.71
C THR B 43 26.31 8.58 19.39
N TYR B 44 26.01 7.98 18.23
CA TYR B 44 24.60 7.78 17.86
C TYR B 44 23.90 6.88 18.86
N ALA B 45 24.57 5.81 19.28
CA ALA B 45 24.02 4.92 20.30
C ALA B 45 23.82 5.65 21.64
N GLU B 46 24.80 6.48 22.06
CA GLU B 46 24.63 7.25 23.29
C GLU B 46 23.48 8.23 23.14
N LEU B 47 23.38 8.88 21.98
CA LEU B 47 22.33 9.86 21.75
C LEU B 47 20.95 9.21 21.69
N ARG B 48 20.84 8.03 21.06
CA ARG B 48 19.59 7.28 21.11
C ARG B 48 19.26 6.94 22.55
N GLU B 49 20.29 6.64 23.33
CA GLU B 49 20.11 6.32 24.74
C GLU B 49 19.57 7.53 25.51
N ARG B 50 20.09 8.73 25.21
CA ARG B 50 19.65 9.93 25.94
C ARG B 50 18.20 10.27 25.69
N ARG B 51 17.72 10.05 24.46
CA ARG B 51 16.38 10.40 24.03
C ARG B 51 16.29 11.90 23.82
N THR B 52 17.40 12.46 23.35
CA THR B 52 17.54 13.90 23.08
C THR B 52 18.11 14.12 21.68
N LEU B 53 17.77 15.29 21.10
CA LEU B 53 18.43 15.74 19.88
C LEU B 53 19.73 16.46 20.23
N LEU B 54 20.69 16.38 19.33
CA LEU B 54 21.99 17.03 19.49
C LEU B 54 22.07 18.25 18.57
N ARG B 55 22.14 19.46 19.15
CA ARG B 55 22.46 20.65 18.37
C ARG B 55 23.89 20.57 17.86
N VAL B 56 24.06 20.71 16.55
CA VAL B 56 25.32 20.44 15.89
C VAL B 56 25.66 21.58 14.95
N ARG B 57 26.93 21.61 14.54
CA ARG B 57 27.47 22.55 13.57
C ARG B 57 28.02 21.72 12.41
N VAL B 58 27.36 21.82 11.26
CA VAL B 58 27.67 20.99 10.12
C VAL B 58 28.63 21.75 9.22
N PRO B 59 29.25 21.11 8.24
CA PRO B 59 30.26 21.83 7.45
C PRO B 59 29.73 23.05 6.69
N HIS B 60 28.44 23.10 6.36
CA HIS B 60 27.88 24.26 5.66
C HIS B 60 26.46 24.53 6.12
N GLY B 61 26.03 25.78 5.98
CA GLY B 61 24.67 26.15 6.30
C GLY B 61 24.37 26.32 7.78
N ASP B 62 23.09 26.19 8.11
CA ASP B 62 22.61 26.42 9.46
C ASP B 62 23.17 25.41 10.45
N ASP B 63 23.06 25.75 11.73
CA ASP B 63 23.20 24.73 12.75
C ASP B 63 21.95 23.85 12.71
N ALA B 64 22.07 22.62 13.19
CA ALA B 64 20.97 21.68 13.07
C ALA B 64 20.86 20.82 14.31
N TRP B 65 19.72 20.17 14.43
CA TRP B 65 19.46 19.17 15.46
C TRP B 65 19.71 17.80 14.86
N LEU B 66 20.67 17.07 15.42
CA LEU B 66 20.88 15.68 14.99
C LEU B 66 19.78 14.81 15.54
N VAL B 67 19.15 14.01 14.67
CA VAL B 67 18.07 13.10 15.06
C VAL B 67 18.60 11.69 14.86
N THR B 68 18.70 10.93 15.96
CA THR B 68 19.34 9.61 15.93
C THR B 68 18.39 8.44 16.20
N ARG B 69 17.30 8.67 16.91
CA ARG B 69 16.34 7.63 17.30
C ARG B 69 15.37 7.34 16.17
N HIS B 70 14.92 6.07 16.12
CA HIS B 70 14.02 5.64 15.05
C HIS B 70 12.71 6.42 15.05
N GLU B 71 12.02 6.49 16.19
CA GLU B 71 10.73 7.18 16.18
C GLU B 71 10.88 8.65 15.82
N ASP B 72 12.02 9.27 16.16
CA ASP B 72 12.19 10.69 15.91
C ASP B 72 12.67 10.92 14.49
N VAL B 73 13.50 10.02 13.97
CA VAL B 73 13.86 10.07 12.55
C VAL B 73 12.63 9.80 11.70
N ARG B 74 11.70 8.98 12.21
CA ARG B 74 10.41 8.83 11.55
C ARG B 74 9.66 10.15 11.53
N THR B 75 9.62 10.83 12.67
CA THR B 75 8.85 12.06 12.81
C THR B 75 9.27 13.11 11.79
N VAL B 76 10.56 13.43 11.74
CA VAL B 76 11.03 14.52 10.89
C VAL B 76 10.88 14.18 9.40
N LEU B 77 11.18 12.94 9.02
CA LEU B 77 11.03 12.57 7.62
C LEU B 77 9.58 12.51 7.19
N THR B 78 8.65 12.37 8.12
CA THR B 78 7.27 12.11 7.76
C THR B 78 6.24 13.05 8.38
N ASP B 79 6.56 13.80 9.43
CA ASP B 79 5.55 14.71 9.96
C ASP B 79 5.35 15.87 8.99
N PRO B 80 4.10 16.26 8.72
CA PRO B 80 3.86 17.37 7.78
C PRO B 80 4.47 18.70 8.24
N ARG B 81 4.72 18.87 9.54
CA ARG B 81 5.34 20.09 10.05
C ARG B 81 6.83 20.18 9.80
N PHE B 82 7.47 19.13 9.27
CA PHE B 82 8.89 19.16 8.94
C PHE B 82 9.02 19.23 7.43
N SER B 83 9.12 20.45 6.94
CA SER B 83 9.02 20.71 5.51
C SER B 83 10.37 20.54 4.84
N ARG B 84 10.34 20.06 3.63
CA ARG B 84 11.53 19.92 2.79
C ARG B 84 11.66 21.06 1.79
N ALA B 85 10.53 21.69 1.44
CA ALA B 85 10.56 22.92 0.66
C ALA B 85 11.22 24.07 1.44
N ALA B 86 11.03 24.09 2.77
CA ALA B 86 11.52 25.21 3.57
C ALA B 86 13.03 25.20 3.78
N ALA B 87 13.75 24.20 3.27
CA ALA B 87 15.20 24.23 3.21
C ALA B 87 15.72 24.98 1.98
N ALA B 88 14.86 25.21 0.98
CA ALA B 88 15.23 25.96 -0.23
C ALA B 88 15.42 27.44 0.03
N GLY B 89 14.65 28.01 0.95
CA GLY B 89 14.76 29.40 1.32
C GLY B 89 15.81 29.66 2.37
N ARG B 90 16.72 28.70 2.60
CA ARG B 90 17.70 28.75 3.67
C ARG B 90 19.08 28.41 3.13
N ASP B 91 20.09 28.80 3.89
CA ASP B 91 21.45 28.34 3.67
C ASP B 91 21.46 26.96 4.29
N GLU B 92 21.20 25.96 3.45
CA GLU B 92 20.81 24.65 3.94
C GLU B 92 21.85 24.06 4.89
N ALA B 93 21.39 23.66 6.06
CA ALA B 93 22.24 22.87 6.95
C ALA B 93 22.64 21.63 6.18
N ARG B 94 23.94 21.47 5.91
CA ARG B 94 24.36 20.40 5.01
C ARG B 94 25.81 20.02 5.28
N LEU B 95 26.26 18.97 4.62
CA LEU B 95 27.66 18.59 4.57
C LEU B 95 28.33 18.98 3.27
N THR B 96 27.55 19.16 2.23
CA THR B 96 28.08 19.43 0.90
C THR B 96 28.35 20.92 0.70
N PRO B 97 29.39 21.28 -0.06
CA PRO B 97 29.73 22.71 -0.19
C PRO B 97 28.62 23.54 -0.78
N LEU B 98 27.95 23.00 -1.80
CA LEU B 98 26.86 23.64 -2.53
C LEU B 98 25.56 22.94 -2.22
N VAL B 99 24.48 23.72 -2.18
CA VAL B 99 23.16 23.12 -2.11
C VAL B 99 22.88 22.41 -3.42
N ILE B 100 22.31 21.20 -3.33
CA ILE B 100 22.04 20.36 -4.49
C ILE B 100 20.57 20.49 -4.83
N ARG B 101 20.27 20.43 -6.13
CA ARG B 101 18.89 20.35 -6.60
C ARG B 101 18.38 18.92 -6.48
N THR B 102 17.35 18.73 -5.66
CA THR B 102 16.91 17.41 -5.22
C THR B 102 15.61 16.97 -5.87
N SER B 103 15.01 17.82 -6.71
CA SER B 103 13.79 17.51 -7.47
C SER B 103 12.62 17.25 -6.54
N VAL B 104 11.95 16.10 -6.62
CA VAL B 104 10.83 15.77 -5.74
C VAL B 104 11.31 15.61 -4.30
N MET B 105 12.60 15.33 -4.13
CA MET B 105 13.22 15.21 -2.82
C MET B 105 13.29 16.55 -2.11
N GLY B 106 13.34 17.66 -2.85
CA GLY B 106 13.45 18.98 -2.25
C GLY B 106 12.21 19.85 -2.21
N VAL B 107 11.04 19.32 -2.54
CA VAL B 107 9.80 20.11 -2.55
C VAL B 107 8.77 19.37 -1.72
N ASP B 108 7.78 20.10 -1.25
CA ASP B 108 6.64 19.56 -0.52
C ASP B 108 5.42 19.52 -1.41
N PRO B 109 4.33 18.88 -0.98
CA PRO B 109 3.06 18.99 -1.72
C PRO B 109 2.54 20.41 -1.64
N PRO B 110 1.91 20.93 -2.73
CA PRO B 110 1.43 20.24 -3.92
C PRO B 110 2.48 19.89 -4.97
N ASP B 111 3.63 20.57 -4.93
CA ASP B 111 4.66 20.33 -5.93
C ASP B 111 5.18 18.91 -5.92
N HIS B 112 5.26 18.28 -4.73
CA HIS B 112 5.78 16.92 -4.61
C HIS B 112 4.85 15.90 -5.27
N THR B 113 3.55 16.01 -4.99
CA THR B 113 2.57 15.10 -5.57
C THR B 113 2.59 15.13 -7.09
N ARG B 114 2.57 16.33 -7.68
CA ARG B 114 2.54 16.50 -9.13
C ARG B 114 3.81 15.94 -9.78
N LEU B 115 4.96 16.16 -9.17
CA LEU B 115 6.21 15.62 -9.72
C LEU B 115 6.27 14.12 -9.55
N ARG B 116 5.84 13.64 -8.38
CA ARG B 116 5.88 12.23 -8.04
C ARG B 116 4.96 11.40 -8.94
N ARG B 117 3.81 11.98 -9.34
CA ARG B 117 2.84 11.24 -10.16
C ARG B 117 3.45 10.70 -11.45
N LEU B 118 4.50 11.36 -11.95
CA LEU B 118 5.12 11.10 -13.24
C LEU B 118 6.15 10.00 -13.20
N VAL B 119 6.32 9.32 -12.07
CA VAL B 119 7.30 8.25 -11.97
C VAL B 119 6.75 7.14 -11.08
N ALA B 120 5.57 7.37 -10.51
CA ALA B 120 5.06 6.48 -9.47
C ALA B 120 4.75 5.09 -10.02
N THR B 121 3.99 5.04 -11.12
CA THR B 121 3.58 3.78 -11.72
C THR B 121 4.77 3.05 -12.35
N ALA B 122 5.69 3.78 -12.96
CA ALA B 122 6.83 3.13 -13.56
C ALA B 122 7.77 2.55 -12.52
N PHE B 123 7.73 3.06 -11.28
CA PHE B 123 8.67 2.60 -10.26
C PHE B 123 8.02 1.73 -9.19
N SER B 124 6.71 1.49 -9.27
CA SER B 124 6.05 0.67 -8.27
C SER B 124 6.48 -0.78 -8.38
N ARG B 125 5.98 -1.59 -7.43
CA ARG B 125 6.33 -3.01 -7.41
C ARG B 125 5.74 -3.71 -8.61
N ARG B 126 4.51 -3.32 -8.99
CA ARG B 126 3.86 -3.88 -10.14
C ARG B 126 4.68 -3.63 -11.40
N GLY B 127 5.07 -2.37 -11.61
CA GLY B 127 5.82 -2.01 -12.79
C GLY B 127 7.23 -2.58 -12.85
N VAL B 128 7.90 -2.67 -11.70
CA VAL B 128 9.29 -3.14 -11.70
C VAL B 128 9.35 -4.64 -11.89
N GLU B 129 8.33 -5.38 -11.45
CA GLU B 129 8.32 -6.83 -11.64
C GLU B 129 8.46 -7.20 -13.10
N HIS B 130 7.97 -6.36 -14.01
CA HIS B 130 8.20 -6.59 -15.43
C HIS B 130 9.65 -6.48 -15.81
N LEU B 131 10.47 -5.78 -15.02
CA LEU B 131 11.87 -5.65 -15.35
C LEU B 131 12.71 -6.83 -14.87
N ARG B 132 12.15 -7.67 -13.99
CA ARG B 132 12.88 -8.82 -13.48
C ARG B 132 13.37 -9.75 -14.59
N PRO B 133 12.58 -10.05 -15.64
CA PRO B 133 13.10 -10.87 -16.74
C PRO B 133 14.33 -10.28 -17.40
N GLY B 134 14.36 -8.96 -17.62
CA GLY B 134 15.54 -8.30 -18.15
C GLY B 134 16.69 -8.22 -17.15
N ILE B 135 16.36 -7.90 -15.89
CA ILE B 135 17.38 -7.82 -14.84
C ILE B 135 18.04 -9.17 -14.65
N THR B 136 17.24 -10.25 -14.61
CA THR B 136 17.77 -11.61 -14.49
C THR B 136 18.64 -11.95 -15.70
N ALA B 137 18.19 -11.57 -16.89
CA ALA B 137 18.98 -11.79 -18.10
C ALA B 137 20.32 -11.08 -18.00
N LEU B 138 20.33 -9.89 -17.40
CA LEU B 138 21.55 -9.11 -17.22
C LEU B 138 22.45 -9.73 -16.16
N VAL B 139 21.89 -10.05 -14.99
CA VAL B 139 22.68 -10.69 -13.94
C VAL B 139 23.19 -12.03 -14.43
N ARG B 140 22.43 -12.74 -15.26
CA ARG B 140 22.96 -13.98 -15.85
C ARG B 140 24.09 -13.69 -16.83
N ARG B 141 23.96 -12.63 -17.65
CA ARG B 141 25.00 -12.23 -18.60
C ARG B 141 26.26 -11.77 -17.88
N LEU B 142 26.09 -11.07 -16.76
CA LEU B 142 27.22 -10.58 -15.97
C LEU B 142 27.98 -11.72 -15.28
N THR B 143 27.26 -12.60 -14.57
CA THR B 143 27.94 -13.73 -13.93
C THR B 143 28.54 -14.66 -14.96
N ASP B 144 27.85 -14.84 -16.09
CA ASP B 144 28.38 -15.66 -17.19
C ASP B 144 29.75 -15.19 -17.63
N ASP B 145 29.93 -13.87 -17.71
CA ASP B 145 31.20 -13.34 -18.14
C ASP B 145 32.27 -13.50 -17.09
N MET B 146 31.92 -13.39 -15.80
CA MET B 146 32.90 -13.60 -14.75
C MET B 146 33.44 -15.01 -14.79
N VAL B 147 32.53 -16.00 -14.83
CA VAL B 147 32.95 -17.39 -15.04
C VAL B 147 33.80 -17.50 -16.31
N GLY B 148 33.33 -16.86 -17.40
CA GLY B 148 34.08 -16.90 -18.64
C GLY B 148 35.38 -16.14 -18.55
N GLN B 149 35.37 -14.99 -17.87
CA GLN B 149 36.61 -14.25 -17.66
C GLN B 149 37.49 -14.94 -16.61
N GLY B 150 36.89 -15.56 -15.60
CA GLY B 150 37.65 -16.28 -14.60
C GLY B 150 38.03 -15.47 -13.38
N PRO B 151 38.47 -16.15 -12.32
CA PRO B 151 38.92 -15.46 -11.11
C PRO B 151 40.35 -14.96 -11.25
N PRO B 152 40.73 -13.88 -10.54
CA PRO B 152 39.94 -13.00 -9.68
C PRO B 152 39.44 -11.75 -10.43
N VAL B 153 38.36 -11.14 -9.96
CA VAL B 153 37.82 -9.95 -10.60
C VAL B 153 37.41 -8.95 -9.53
N ASP B 154 37.52 -7.67 -9.85
CA ASP B 154 36.96 -6.66 -8.98
C ASP B 154 35.46 -6.71 -9.20
N LEU B 155 34.74 -7.21 -8.20
CA LEU B 155 33.30 -7.40 -8.27
C LEU B 155 32.54 -6.08 -8.37
N VAL B 156 33.18 -4.94 -8.10
CA VAL B 156 32.54 -3.64 -8.29
C VAL B 156 32.50 -3.27 -9.77
N ARG B 157 33.63 -3.41 -10.46
CA ARG B 157 33.72 -3.11 -11.89
C ARG B 157 33.07 -4.17 -12.76
N SER B 158 33.19 -5.44 -12.36
CA SER B 158 32.72 -6.51 -13.21
C SER B 158 31.29 -6.90 -12.90
N PHE B 159 30.75 -6.47 -11.77
CA PHE B 159 29.38 -6.85 -11.48
C PHE B 159 28.53 -5.70 -10.96
N VAL B 160 28.95 -5.08 -9.85
CA VAL B 160 28.07 -4.20 -9.08
C VAL B 160 27.65 -2.98 -9.89
N THR B 161 28.62 -2.17 -10.35
CA THR B 161 28.27 -0.92 -11.04
C THR B 161 27.62 -1.17 -12.40
N PRO B 162 28.07 -2.16 -13.19
CA PRO B 162 27.35 -2.44 -14.46
C PRO B 162 25.91 -2.91 -14.27
N LEU B 163 25.62 -3.83 -13.34
CA LEU B 163 24.24 -4.26 -13.19
C LEU B 163 23.33 -3.11 -12.82
N SER B 164 23.66 -2.39 -11.75
CA SER B 164 22.80 -1.30 -11.29
C SER B 164 22.81 -0.15 -12.29
N GLY B 165 23.95 0.09 -12.95
CA GLY B 165 24.06 1.15 -13.94
C GLY B 165 23.29 0.88 -15.22
N LEU B 166 23.43 -0.32 -15.79
CA LEU B 166 22.64 -0.69 -16.96
C LEU B 166 21.14 -0.71 -16.64
N VAL B 167 20.76 -1.07 -15.41
CA VAL B 167 19.35 -1.04 -15.05
C VAL B 167 18.80 0.38 -15.15
N ILE B 168 19.47 1.36 -14.54
CA ILE B 168 18.97 2.73 -14.56
C ILE B 168 19.11 3.33 -15.95
N CYS B 169 20.21 3.01 -16.65
CA CYS B 169 20.41 3.56 -17.98
C CYS B 169 19.31 3.13 -18.93
N ASP B 170 18.96 1.84 -18.90
CA ASP B 170 17.88 1.36 -19.76
C ASP B 170 16.52 1.83 -19.28
N LEU B 171 16.32 1.95 -17.98
CA LEU B 171 15.05 2.43 -17.49
C LEU B 171 14.78 3.87 -17.92
N LEU B 172 15.78 4.74 -17.82
CA LEU B 172 15.61 6.15 -18.10
C LEU B 172 15.87 6.52 -19.57
N GLY B 173 16.74 5.81 -20.26
CA GLY B 173 17.11 6.19 -21.60
C GLY B 173 18.39 6.97 -21.67
N VAL B 174 19.10 7.08 -20.56
CA VAL B 174 20.42 7.69 -20.56
C VAL B 174 21.40 6.71 -21.19
N PRO B 175 22.26 7.12 -22.11
CA PRO B 175 23.21 6.17 -22.72
C PRO B 175 24.21 5.63 -21.71
N TYR B 176 24.25 4.29 -21.59
CA TYR B 176 25.21 3.65 -20.70
C TYR B 176 26.63 3.79 -21.20
N ALA B 177 26.82 4.05 -22.50
CA ALA B 177 28.17 4.30 -23.01
C ALA B 177 28.64 5.70 -22.68
N ASP B 178 27.74 6.56 -22.19
CA ASP B 178 28.11 7.89 -21.75
C ASP B 178 28.44 7.90 -20.27
N ARG B 179 28.56 6.70 -19.70
CA ARG B 179 29.22 6.54 -18.42
C ARG B 179 30.66 6.99 -18.54
N SER B 180 31.15 7.06 -19.78
CA SER B 180 32.46 7.65 -20.03
C SER B 180 32.52 9.08 -19.50
N ARG B 181 31.47 9.86 -19.73
CA ARG B 181 31.47 11.28 -19.37
C ARG B 181 30.65 11.63 -18.14
N PHE B 182 29.44 11.08 -17.96
CA PHE B 182 28.62 11.56 -16.84
C PHE B 182 29.04 10.97 -15.50
N ARG B 183 29.86 9.92 -15.49
CA ARG B 183 30.36 9.34 -14.24
C ARG B 183 31.20 10.33 -13.44
N HIS B 184 32.01 11.14 -14.13
CA HIS B 184 32.78 12.21 -13.49
C HIS B 184 31.86 13.10 -12.67
N TRP B 185 30.79 13.60 -13.30
CA TRP B 185 29.90 14.54 -12.66
C TRP B 185 29.07 13.90 -11.56
N LEU B 186 28.78 12.58 -11.66
CA LEU B 186 27.91 11.94 -10.67
C LEU B 186 28.51 12.04 -9.28
N GLU B 187 29.81 11.80 -9.17
CA GLU B 187 30.45 11.80 -7.86
C GLU B 187 30.28 13.14 -7.16
N ALA B 188 30.43 14.24 -7.92
CA ALA B 188 30.35 15.58 -7.35
C ALA B 188 29.03 15.82 -6.63
N PHE B 189 27.97 15.11 -7.02
CA PHE B 189 26.69 15.21 -6.33
C PHE B 189 26.68 14.43 -5.02
N PHE B 190 27.67 13.58 -4.79
CA PHE B 190 27.84 12.86 -3.53
C PHE B 190 29.03 13.37 -2.72
N SER B 191 29.81 14.30 -3.26
CA SER B 191 31.04 14.73 -2.62
C SER B 191 30.76 15.63 -1.42
N ILE B 192 31.41 15.32 -0.31
CA ILE B 192 31.51 16.22 0.83
C ILE B 192 32.88 16.87 0.87
N THR B 193 33.92 16.04 0.81
CA THR B 193 35.29 16.47 0.82
C THR B 193 36.06 15.94 -0.37
N ALA B 194 35.44 15.09 -1.20
CA ALA B 194 36.14 14.50 -2.34
C ALA B 194 36.44 15.53 -3.42
N LEU B 195 35.63 16.57 -3.52
CA LEU B 195 35.82 17.59 -4.55
C LEU B 195 35.65 19.00 -4.01
N PRO B 196 36.42 19.97 -4.51
CA PRO B 196 36.25 21.37 -4.08
C PRO B 196 34.92 21.95 -4.53
N ALA B 197 34.54 23.06 -3.88
CA ALA B 197 33.24 23.69 -4.13
C ALA B 197 33.09 24.22 -5.56
N ASP B 198 34.17 24.72 -6.16
CA ASP B 198 34.13 25.16 -7.55
C ASP B 198 34.17 23.99 -8.53
N GLU B 199 34.96 22.94 -8.21
CA GLU B 199 34.98 21.72 -9.00
C GLU B 199 33.64 20.99 -8.90
N VAL B 200 33.03 21.02 -7.72
CA VAL B 200 31.69 20.47 -7.52
C VAL B 200 30.68 21.27 -8.33
N ALA B 201 30.88 22.58 -8.41
CA ALA B 201 29.98 23.39 -9.23
C ALA B 201 30.16 23.12 -10.72
N VAL B 202 31.39 22.89 -11.18
CA VAL B 202 31.65 22.65 -12.61
C VAL B 202 30.96 21.38 -13.07
N ARG B 203 31.14 20.28 -12.32
CA ARG B 203 30.53 19.02 -12.68
C ARG B 203 29.02 19.09 -12.60
N ILE B 204 28.48 19.83 -11.63
CA ILE B 204 27.01 19.94 -11.52
C ILE B 204 26.45 20.66 -12.74
N GLU B 205 27.14 21.70 -13.18
CA GLU B 205 26.74 22.44 -14.37
C GLU B 205 26.88 21.59 -15.63
N ALA B 206 27.96 20.82 -15.74
CA ALA B 206 28.13 19.92 -16.88
C ALA B 206 27.05 18.83 -16.88
N MET B 207 26.64 18.37 -15.69
CA MET B 207 25.63 17.33 -15.56
C MET B 207 24.25 17.81 -16.00
N TYR B 208 23.88 19.03 -15.63
CA TYR B 208 22.63 19.58 -16.13
C TYR B 208 22.71 19.85 -17.62
N GLY B 209 23.92 20.07 -18.12
CA GLY B 209 24.09 20.26 -19.55
C GLY B 209 23.83 18.97 -20.32
N TYR B 210 24.37 17.85 -19.82
CA TYR B 210 24.20 16.56 -20.48
C TYR B 210 22.75 16.07 -20.45
N ILE B 211 22.05 16.25 -19.33
CA ILE B 211 20.61 15.94 -19.28
C ILE B 211 19.85 16.85 -20.24
N ALA B 212 20.27 18.11 -20.31
CA ALA B 212 19.66 19.04 -21.25
C ALA B 212 19.87 18.58 -22.69
N GLU B 213 21.07 18.08 -23.00
CA GLU B 213 21.26 17.49 -24.33
C GLU B 213 20.33 16.30 -24.56
N LEU B 214 20.14 15.45 -23.53
CA LEU B 214 19.27 14.27 -23.64
C LEU B 214 17.81 14.65 -23.77
N VAL B 215 17.37 15.67 -23.04
CA VAL B 215 15.99 16.13 -23.15
C VAL B 215 15.74 16.75 -24.52
N ALA B 216 16.76 17.39 -25.11
CA ALA B 216 16.61 17.99 -26.42
C ALA B 216 16.36 16.94 -27.50
N LEU B 217 17.13 15.84 -27.46
CA LEU B 217 17.06 14.81 -28.51
C LEU B 217 15.70 14.15 -28.58
N ARG B 218 14.97 14.08 -27.46
CA ARG B 218 13.66 13.47 -27.45
C ARG B 218 12.56 14.42 -27.86
N ARG B 219 12.86 15.73 -27.93
CA ARG B 219 11.88 16.69 -28.43
C ARG B 219 11.68 16.51 -29.92
N ALA B 220 12.78 16.29 -30.65
CA ALA B 220 12.72 16.00 -32.08
C ALA B 220 12.31 14.56 -32.37
N GLU B 221 12.82 13.58 -31.62
CA GLU B 221 12.53 12.15 -31.86
C GLU B 221 12.13 11.48 -30.54
N PRO B 222 10.87 11.62 -30.12
CA PRO B 222 10.44 11.03 -28.85
C PRO B 222 10.83 9.56 -28.72
N THR B 223 11.20 9.19 -27.50
CA THR B 223 11.76 7.89 -27.17
C THR B 223 10.83 7.16 -26.21
N GLU B 224 10.99 5.83 -26.16
CA GLU B 224 10.12 4.97 -25.39
C GLU B 224 10.66 4.66 -23.98
N ASP B 225 11.54 5.51 -23.46
CA ASP B 225 12.08 5.35 -22.13
C ASP B 225 11.45 6.41 -21.22
N LEU B 226 11.86 6.38 -19.94
CA LEU B 226 11.27 7.27 -18.95
C LEU B 226 11.55 8.74 -19.23
N LEU B 227 12.73 9.06 -19.77
CA LEU B 227 13.07 10.46 -20.05
C LEU B 227 12.16 11.06 -21.10
N GLY B 228 11.96 10.34 -22.20
CA GLY B 228 10.99 10.77 -23.21
C GLY B 228 9.58 10.87 -22.64
N GLY B 229 9.23 9.97 -21.73
CA GLY B 229 7.90 9.99 -21.15
C GLY B 229 7.65 11.26 -20.35
N LEU B 230 8.71 11.78 -19.74
CA LEU B 230 8.66 13.02 -18.96
C LEU B 230 8.78 14.24 -19.88
N VAL B 231 9.57 14.13 -20.96
CA VAL B 231 9.56 15.13 -22.01
C VAL B 231 8.16 15.28 -22.57
N ARG B 232 7.47 14.17 -22.82
CA ARG B 232 6.06 14.24 -23.22
C ARG B 232 5.20 14.78 -22.08
N ALA B 233 5.54 14.43 -20.84
CA ALA B 233 4.79 14.91 -19.69
C ALA B 233 4.92 16.42 -19.50
N ARG B 234 6.05 17.00 -19.88
CA ARG B 234 6.22 18.46 -19.82
C ARG B 234 5.45 19.18 -20.93
N ASP B 235 5.74 18.84 -22.19
CA ASP B 235 5.21 19.59 -23.34
C ASP B 235 3.73 19.33 -23.55
N ARG B 236 3.29 18.09 -23.47
CA ARG B 236 1.89 17.90 -23.79
C ARG B 236 0.98 18.09 -22.59
N ASP B 237 1.42 17.76 -21.37
CA ASP B 237 0.57 17.97 -20.19
C ASP B 237 0.88 19.27 -19.46
N GLY B 238 2.04 19.87 -19.71
CA GLY B 238 2.44 20.99 -18.89
C GLY B 238 2.57 20.61 -17.43
N SER B 239 2.87 19.35 -17.15
CA SER B 239 2.88 18.88 -15.77
C SER B 239 4.05 19.42 -14.97
N CYS B 240 5.11 19.86 -15.64
CA CYS B 240 6.28 20.33 -14.92
C CYS B 240 7.01 21.38 -15.74
N SER B 241 7.95 22.06 -15.07
CA SER B 241 8.85 23.00 -15.72
C SER B 241 10.02 22.27 -16.36
N GLU B 242 10.81 23.02 -17.12
CA GLU B 242 11.96 22.43 -17.81
C GLU B 242 13.06 22.04 -16.83
N GLU B 243 13.26 22.87 -15.80
CA GLU B 243 14.23 22.62 -14.76
C GLU B 243 13.87 21.40 -13.93
N GLU B 244 12.58 21.26 -13.58
CA GLU B 244 12.10 20.08 -12.90
C GLU B 244 12.38 18.82 -13.72
N LEU B 245 12.24 18.91 -15.03
CA LEU B 245 12.48 17.77 -15.90
C LEU B 245 13.95 17.32 -15.84
N VAL B 246 14.87 18.27 -15.91
CA VAL B 246 16.30 17.94 -15.82
C VAL B 246 16.65 17.40 -14.42
N ASP B 247 16.00 17.94 -13.38
CA ASP B 247 16.29 17.51 -12.01
C ASP B 247 15.72 16.13 -11.70
N LEU B 248 14.46 15.89 -12.10
CA LEU B 248 13.86 14.56 -11.91
C LEU B 248 14.70 13.50 -12.61
N ALA B 249 15.14 13.80 -13.82
CA ALA B 249 16.03 12.90 -14.54
C ALA B 249 17.38 12.78 -13.86
N ASN B 250 17.88 13.88 -13.27
CA ASN B 250 19.21 13.88 -12.66
C ASN B 250 19.28 13.05 -11.39
N VAL B 251 18.35 13.29 -10.46
CA VAL B 251 18.38 12.57 -9.19
C VAL B 251 18.08 11.09 -9.40
N LEU B 252 17.26 10.75 -10.40
CA LEU B 252 16.98 9.35 -10.69
C LEU B 252 18.18 8.64 -11.29
N LEU B 253 18.98 9.33 -12.10
CA LEU B 253 20.15 8.67 -12.68
C LEU B 253 21.26 8.50 -11.64
N LEU B 254 21.48 9.50 -10.77
CA LEU B 254 22.48 9.38 -9.72
C LEU B 254 22.08 8.33 -8.71
N ALA B 255 20.81 8.35 -8.31
CA ALA B 255 20.30 7.37 -7.36
C ALA B 255 20.38 5.96 -7.95
N GLY B 256 19.94 5.80 -9.19
CA GLY B 256 19.98 4.49 -9.80
C GLY B 256 21.38 4.02 -10.12
N TYR B 257 22.19 4.91 -10.68
CA TYR B 257 23.52 4.49 -11.13
C TYR B 257 24.49 4.30 -9.97
N HIS B 258 24.50 5.24 -9.01
CA HIS B 258 25.56 5.30 -8.02
C HIS B 258 25.09 4.95 -6.62
N THR B 259 23.96 5.52 -6.16
CA THR B 259 23.53 5.21 -4.80
C THR B 259 23.28 3.71 -4.68
N THR B 260 22.68 3.12 -5.70
CA THR B 260 22.38 1.70 -5.70
C THR B 260 23.66 0.87 -5.81
N ALA B 261 24.61 1.27 -6.65
CA ALA B 261 25.84 0.49 -6.72
C ALA B 261 26.55 0.45 -5.37
N SER B 262 26.46 1.55 -4.61
CA SER B 262 27.08 1.63 -3.30
C SER B 262 26.46 0.63 -2.32
N GLN B 263 25.13 0.57 -2.26
CA GLN B 263 24.43 -0.36 -1.38
C GLN B 263 24.71 -1.82 -1.73
N LEU B 264 24.82 -2.14 -3.02
CA LEU B 264 25.15 -3.52 -3.38
C LEU B 264 26.62 -3.82 -3.12
N ALA B 265 27.53 -2.89 -3.45
CA ALA B 265 28.95 -3.13 -3.20
C ALA B 265 29.24 -3.19 -1.72
N SER B 266 28.53 -2.39 -0.92
CA SER B 266 28.66 -2.43 0.53
C SER B 266 27.98 -3.66 1.13
N SER B 267 26.78 -4.00 0.66
CA SER B 267 26.14 -5.24 1.09
C SER B 267 26.97 -6.44 0.70
N LEU B 268 27.58 -6.40 -0.47
CA LEU B 268 28.50 -7.45 -0.85
C LEU B 268 29.72 -7.48 0.04
N PHE B 269 30.14 -6.31 0.53
CA PHE B 269 31.26 -6.28 1.47
C PHE B 269 30.95 -7.07 2.73
N VAL B 270 29.72 -6.93 3.24
CA VAL B 270 29.29 -7.65 4.43
C VAL B 270 29.29 -9.16 4.19
N LEU B 271 28.64 -9.60 3.11
CA LEU B 271 28.52 -11.04 2.87
C LEU B 271 29.87 -11.67 2.62
N LEU B 272 30.78 -10.91 2.00
CA LEU B 272 32.13 -11.43 1.81
C LEU B 272 32.99 -11.35 3.07
N THR B 273 32.76 -10.37 3.95
CA THR B 273 33.47 -10.32 5.23
C THR B 273 32.71 -11.00 6.37
N GLN B 274 31.42 -11.29 6.22
CA GLN B 274 30.69 -12.08 7.21
C GLN B 274 30.18 -13.38 6.57
N PRO B 275 31.10 -14.25 6.14
CA PRO B 275 30.73 -15.38 5.29
C PRO B 275 29.74 -16.32 5.90
N GLU B 276 29.51 -16.28 7.21
CA GLU B 276 28.54 -17.21 7.77
C GLU B 276 27.14 -16.91 7.24
N HIS B 277 26.82 -15.63 7.03
CA HIS B 277 25.55 -15.25 6.43
C HIS B 277 25.55 -15.30 4.91
N ALA B 278 26.70 -15.05 4.28
CA ALA B 278 26.76 -15.20 2.83
C ALA B 278 26.35 -16.60 2.42
N GLU B 279 26.86 -17.59 3.14
CA GLU B 279 26.54 -18.99 2.88
C GLU B 279 25.16 -19.39 3.41
N LEU B 280 24.68 -18.74 4.48
CA LEU B 280 23.31 -18.98 4.92
C LEU B 280 22.30 -18.52 3.86
N LEU B 281 22.55 -17.37 3.24
CA LEU B 281 21.68 -16.90 2.16
C LEU B 281 21.80 -17.81 0.94
N ARG B 282 23.02 -18.28 0.64
CA ARG B 282 23.23 -19.18 -0.47
C ARG B 282 22.46 -20.48 -0.23
N SER B 283 22.45 -20.96 1.00
CA SER B 283 21.80 -22.23 1.33
C SER B 283 20.28 -22.12 1.31
N ARG B 284 19.75 -20.94 1.71
CA ARG B 284 18.32 -20.63 1.60
C ARG B 284 18.06 -19.38 0.76
N PRO B 285 17.92 -19.51 -0.56
CA PRO B 285 17.68 -18.30 -1.39
C PRO B 285 16.30 -17.68 -1.24
N GLU B 286 15.33 -18.35 -0.64
CA GLU B 286 14.04 -17.72 -0.42
C GLU B 286 14.06 -16.79 0.80
N LEU B 287 15.23 -16.58 1.38
CA LEU B 287 15.47 -15.50 2.32
C LEU B 287 15.84 -14.22 1.59
N ALA B 288 15.82 -14.25 0.25
CA ALA B 288 16.28 -13.11 -0.53
C ALA B 288 15.50 -11.83 -0.25
N PRO B 289 14.17 -11.82 -0.15
CA PRO B 289 13.49 -10.59 0.28
C PRO B 289 13.85 -10.17 1.69
N ARG B 290 14.06 -11.14 2.60
CA ARG B 290 14.55 -10.86 3.95
C ARG B 290 16.00 -10.38 3.93
N ALA B 291 16.85 -11.08 3.20
CA ALA B 291 18.27 -10.73 3.18
C ALA B 291 18.50 -9.36 2.59
N VAL B 292 17.68 -8.99 1.58
CA VAL B 292 17.77 -7.66 0.98
C VAL B 292 17.31 -6.59 1.95
N GLU B 293 16.18 -6.82 2.63
CA GLU B 293 15.72 -5.84 3.61
C GLU B 293 16.73 -5.66 4.74
N GLU B 294 17.25 -6.76 5.28
CA GLU B 294 18.19 -6.67 6.39
C GLU B 294 19.47 -5.97 6.00
N LEU B 295 20.00 -6.28 4.81
CA LEU B 295 21.24 -5.67 4.34
C LEU B 295 21.06 -4.16 4.12
N LEU B 296 19.84 -3.73 3.82
CA LEU B 296 19.55 -2.30 3.71
C LEU B 296 19.61 -1.62 5.07
N ARG B 297 19.06 -2.27 6.09
CA ARG B 297 19.06 -1.75 7.45
C ARG B 297 20.45 -1.78 8.09
N TYR B 298 21.13 -2.93 8.01
CA TYR B 298 22.43 -3.11 8.64
C TYR B 298 23.53 -2.30 7.93
N VAL B 299 23.51 -2.23 6.61
CA VAL B 299 24.50 -1.39 5.93
C VAL B 299 24.18 0.07 6.20
N PRO B 300 25.16 0.88 6.66
CA PRO B 300 24.97 2.35 6.76
C PRO B 300 25.38 3.05 5.47
N LEU B 301 24.50 3.00 4.47
CA LEU B 301 24.80 3.57 3.15
C LEU B 301 25.06 5.08 3.24
N ILE B 302 24.16 5.78 3.91
CA ILE B 302 24.30 7.21 4.15
C ILE B 302 25.54 7.45 4.99
N ALA B 303 26.43 8.31 4.49
CA ALA B 303 27.67 8.59 5.23
C ALA B 303 27.35 9.14 6.62
N HIS B 304 26.41 10.07 6.75
CA HIS B 304 26.09 10.60 8.07
C HIS B 304 24.60 10.87 8.28
N VAL B 305 24.05 11.89 7.61
CA VAL B 305 22.63 12.21 7.73
C VAL B 305 22.06 12.33 6.32
N THR B 306 20.74 12.17 6.23
CA THR B 306 20.01 12.48 5.02
C THR B 306 19.63 13.96 5.03
N PHE B 307 18.90 14.40 4.01
CA PHE B 307 18.61 15.82 3.82
C PHE B 307 17.89 16.42 5.01
N ALA B 308 18.23 17.68 5.31
CA ALA B 308 17.63 18.41 6.41
C ALA B 308 16.18 18.74 6.10
N ARG B 309 15.39 18.82 7.16
CA ARG B 309 14.05 19.39 7.15
C ARG B 309 14.10 20.66 7.99
N TYR B 310 13.24 21.63 7.69
CA TYR B 310 13.08 22.82 8.51
C TYR B 310 11.67 22.82 9.08
N ALA B 311 11.56 22.88 10.40
CA ALA B 311 10.26 22.94 11.03
C ALA B 311 9.55 24.20 10.56
N THR B 312 8.35 24.03 10.02
CA THR B 312 7.54 25.16 9.59
C THR B 312 6.67 25.68 10.72
N GLU B 313 6.69 24.95 11.83
CA GLU B 313 6.10 25.36 13.10
C GLU B 313 6.85 24.59 14.17
N ASP B 314 6.48 24.85 15.43
CA ASP B 314 7.19 24.29 16.56
C ASP B 314 6.77 22.84 16.81
N VAL B 315 7.75 21.97 16.87
CA VAL B 315 7.58 20.56 17.20
C VAL B 315 8.51 20.21 18.36
N TRP B 316 7.98 19.54 19.38
CA TRP B 316 8.77 19.02 20.48
C TRP B 316 9.13 17.55 20.23
N LEU B 317 10.42 17.26 20.15
CA LEU B 317 10.90 15.90 20.05
C LEU B 317 12.34 15.83 20.57
N GLY B 318 12.69 14.68 21.14
CA GLY B 318 14.05 14.51 21.65
C GLY B 318 14.43 15.48 22.75
N GLY B 319 13.51 15.75 23.66
CA GLY B 319 13.73 16.66 24.77
C GLY B 319 13.90 18.10 24.38
N THR B 320 13.65 18.44 23.11
CA THR B 320 13.87 19.76 22.54
C THR B 320 12.60 20.26 21.89
N LEU B 321 12.28 21.52 22.09
CA LEU B 321 11.30 22.18 21.23
C LEU B 321 12.07 22.76 20.06
N VAL B 322 12.09 22.05 18.94
CA VAL B 322 12.69 22.57 17.72
C VAL B 322 11.77 23.63 17.14
N ARG B 323 12.33 24.82 16.90
CA ARG B 323 11.46 25.94 16.56
C ARG B 323 11.25 26.09 15.06
N ALA B 324 10.18 26.81 14.72
CA ALA B 324 9.91 27.11 13.32
C ALA B 324 11.14 27.78 12.72
N GLY B 325 11.63 27.25 11.62
CA GLY B 325 12.82 27.76 10.99
C GLY B 325 14.11 27.06 11.36
N GLU B 326 14.07 26.15 12.33
CA GLU B 326 15.24 25.36 12.75
C GLU B 326 15.41 24.08 11.92
N ALA B 327 16.66 23.73 11.61
CA ALA B 327 16.97 22.53 10.84
C ALA B 327 17.16 21.30 11.74
N VAL B 328 16.67 20.15 11.24
CA VAL B 328 16.86 18.82 11.85
C VAL B 328 17.54 17.94 10.81
N LEU B 329 18.46 17.10 11.24
CA LEU B 329 19.13 16.18 10.31
C LEU B 329 18.85 14.74 10.73
N PRO B 330 18.20 13.94 9.89
CA PRO B 330 17.79 12.58 10.31
C PRO B 330 18.93 11.59 10.11
N ALA B 331 19.40 11.03 11.21
CA ALA B 331 20.46 10.04 11.12
C ALA B 331 19.76 8.73 10.79
N VAL B 332 19.60 8.50 9.48
CA VAL B 332 18.90 7.31 9.02
C VAL B 332 19.63 6.04 9.42
N PRO B 333 20.96 5.92 9.27
CA PRO B 333 21.63 4.68 9.73
C PRO B 333 21.55 4.50 11.25
N SER B 334 21.66 5.59 12.02
CA SER B 334 21.50 5.49 13.47
C SER B 334 20.13 4.95 13.83
N ALA B 335 19.07 5.54 13.28
CA ALA B 335 17.73 5.06 13.56
C ALA B 335 17.50 3.66 13.01
N ASN B 336 18.30 3.21 12.05
CA ASN B 336 18.26 1.84 11.55
C ASN B 336 18.93 0.83 12.50
N ARG B 337 19.65 1.30 13.53
CA ARG B 337 20.26 0.47 14.55
C ARG B 337 19.64 0.66 15.93
N ASP B 338 18.44 1.22 16.00
CA ASP B 338 17.79 1.52 17.27
C ASP B 338 17.28 0.23 17.92
N ALA B 339 17.66 0.04 19.19
CA ALA B 339 17.30 -1.14 19.95
C ALA B 339 15.83 -1.21 20.32
N GLU B 340 15.09 -0.11 20.20
CA GLU B 340 13.66 -0.14 20.52
C GLU B 340 12.81 -0.77 19.42
N VAL B 341 13.37 -1.01 18.24
CA VAL B 341 12.64 -1.52 17.09
C VAL B 341 13.22 -2.86 16.61
N PHE B 342 14.53 -2.94 16.50
CA PHE B 342 15.23 -4.12 15.99
C PHE B 342 15.87 -4.88 17.14
N ASP B 343 15.63 -6.18 17.20
CA ASP B 343 16.34 -6.98 18.18
C ASP B 343 17.76 -7.17 17.67
N GLU B 344 18.73 -7.02 18.56
CA GLU B 344 20.15 -7.10 18.21
C GLU B 344 20.50 -6.24 16.99
N PRO B 345 20.22 -4.94 17.05
CA PRO B 345 20.26 -4.12 15.83
C PRO B 345 21.62 -3.99 15.20
N ASP B 346 22.72 -4.24 15.91
CA ASP B 346 24.05 -4.09 15.35
C ASP B 346 24.67 -5.42 14.89
N ARG B 347 23.87 -6.50 14.88
CA ARG B 347 24.29 -7.82 14.45
C ARG B 347 23.48 -8.24 13.23
N LEU B 348 24.15 -8.80 12.22
CA LEU B 348 23.51 -9.19 10.97
C LEU B 348 22.57 -10.38 11.19
N ASP B 349 21.28 -10.17 10.91
CA ASP B 349 20.26 -11.22 10.96
C ASP B 349 19.52 -11.29 9.63
N LEU B 350 20.10 -11.95 8.63
CA LEU B 350 19.47 -11.99 7.32
C LEU B 350 18.09 -12.64 7.32
N THR B 351 17.70 -13.30 8.40
CA THR B 351 16.42 -13.98 8.50
C THR B 351 15.36 -13.13 9.19
N ARG B 352 15.67 -11.90 9.60
CA ARG B 352 14.68 -11.07 10.27
C ARG B 352 13.48 -10.83 9.36
N ARG B 353 12.28 -11.22 9.82
CA ARG B 353 11.12 -11.23 8.93
C ARG B 353 10.52 -9.83 8.75
N HIS B 354 10.01 -9.25 9.83
CA HIS B 354 9.54 -7.87 9.84
C HIS B 354 10.73 -6.95 10.15
N ASN B 355 11.06 -6.07 9.20
CA ASN B 355 12.25 -5.21 9.24
C ASN B 355 11.82 -3.78 8.95
N PRO B 356 11.31 -3.05 9.94
CA PRO B 356 10.82 -1.68 9.68
C PRO B 356 11.93 -0.63 9.61
N HIS B 357 12.90 -0.87 8.74
CA HIS B 357 14.00 0.04 8.55
C HIS B 357 13.57 1.29 7.77
N LEU B 358 14.41 2.33 7.85
CA LEU B 358 14.21 3.59 7.15
C LEU B 358 15.34 3.84 6.16
N ALA B 359 15.96 2.77 5.65
CA ALA B 359 17.02 2.90 4.66
C ALA B 359 16.53 3.48 3.32
N PHE B 360 15.22 3.45 3.06
CA PHE B 360 14.60 4.07 1.89
C PHE B 360 13.81 5.32 2.26
N GLY B 361 13.87 5.75 3.51
CA GLY B 361 13.11 6.87 3.97
C GLY B 361 11.81 6.43 4.60
N HIS B 362 10.96 7.41 4.87
CA HIS B 362 9.71 7.17 5.57
C HIS B 362 8.70 8.18 5.09
N GLY B 363 7.47 7.72 4.88
CA GLY B 363 6.38 8.60 4.48
C GLY B 363 6.52 9.23 3.11
N LEU B 364 6.39 10.56 3.09
CA LEU B 364 6.15 11.32 1.86
C LEU B 364 7.25 11.13 0.81
N HIS B 365 8.52 11.29 1.20
CA HIS B 365 9.64 11.21 0.26
C HIS B 365 10.26 9.82 0.25
N HIS B 366 9.47 8.82 0.62
CA HIS B 366 9.92 7.44 0.63
C HIS B 366 10.48 7.08 -0.74
N CYS B 367 11.53 6.28 -0.73
CA CYS B 367 12.31 6.05 -1.93
C CYS B 367 11.45 5.61 -3.09
N LEU B 368 11.50 6.39 -4.17
CA LEU B 368 10.81 6.00 -5.39
C LEU B 368 11.42 4.74 -5.98
N GLY B 369 12.75 4.61 -5.97
CA GLY B 369 13.42 3.43 -6.50
C GLY B 369 13.53 2.26 -5.53
N ALA B 370 12.67 2.24 -4.52
CA ALA B 370 12.71 1.21 -3.49
C ALA B 370 12.57 -0.18 -4.08
N SER B 371 11.49 -0.40 -4.85
CA SER B 371 11.19 -1.69 -5.46
C SER B 371 12.23 -2.09 -6.48
N LEU B 372 12.70 -1.14 -7.28
CA LEU B 372 13.72 -1.48 -8.28
C LEU B 372 15.02 -1.93 -7.62
N VAL B 373 15.35 -1.37 -6.44
CA VAL B 373 16.60 -1.72 -5.76
C VAL B 373 16.53 -3.14 -5.23
N ARG B 374 15.43 -3.47 -4.57
CA ARG B 374 15.20 -4.80 -4.03
C ARG B 374 15.23 -5.86 -5.11
N VAL B 375 14.58 -5.61 -6.26
CA VAL B 375 14.56 -6.59 -7.34
C VAL B 375 15.97 -6.86 -7.88
N GLN B 376 16.78 -5.80 -8.05
CA GLN B 376 18.18 -5.99 -8.48
C GLN B 376 19.02 -6.67 -7.41
N MET B 377 18.73 -6.39 -6.13
CA MET B 377 19.47 -6.98 -5.02
C MET B 377 19.12 -8.44 -4.84
N GLU B 378 17.83 -8.77 -4.86
CA GLU B 378 17.42 -10.17 -4.82
C GLU B 378 18.00 -10.92 -6.00
N VAL B 379 17.92 -10.35 -7.20
CA VAL B 379 18.42 -11.04 -8.38
C VAL B 379 19.94 -11.13 -8.33
N ALA B 380 20.64 -10.08 -7.92
CA ALA B 380 22.10 -10.13 -7.91
C ALA B 380 22.61 -11.02 -6.77
N LEU B 381 22.02 -10.90 -5.59
CA LEU B 381 22.46 -11.70 -4.46
C LEU B 381 22.13 -13.19 -4.65
N THR B 382 20.97 -13.50 -5.22
CA THR B 382 20.63 -14.90 -5.43
C THR B 382 21.44 -15.53 -6.57
N MET B 383 21.52 -14.87 -7.73
CA MET B 383 22.28 -15.42 -8.86
C MET B 383 23.78 -15.51 -8.60
N LEU B 384 24.37 -14.48 -8.00
CA LEU B 384 25.81 -14.49 -7.76
C LEU B 384 26.18 -15.55 -6.73
N LEU B 385 25.43 -15.62 -5.62
CA LEU B 385 25.69 -16.63 -4.60
C LEU B 385 25.47 -18.03 -5.16
N GLY B 386 24.40 -18.20 -5.95
CA GLY B 386 24.12 -19.51 -6.53
C GLY B 386 25.20 -19.94 -7.51
N ARG B 387 25.71 -19.02 -8.33
CA ARG B 387 26.63 -19.42 -9.40
C ARG B 387 28.05 -19.61 -8.91
N PHE B 388 28.46 -18.89 -7.87
CA PHE B 388 29.80 -18.98 -7.32
C PHE B 388 29.57 -19.38 -5.87
N PRO B 389 29.43 -20.68 -5.58
CA PRO B 389 29.17 -21.09 -4.20
C PRO B 389 30.38 -20.91 -3.33
N ASP B 390 31.54 -20.80 -3.95
CA ASP B 390 32.79 -20.55 -3.25
C ASP B 390 33.27 -19.12 -3.46
N LEU B 391 32.36 -18.19 -3.76
CA LEU B 391 32.77 -16.82 -4.02
C LEU B 391 33.32 -16.25 -2.73
N ALA B 392 34.59 -15.83 -2.76
CA ALA B 392 35.26 -15.30 -1.59
C ALA B 392 36.06 -14.07 -1.96
N LEU B 393 36.34 -13.22 -0.97
CA LEU B 393 37.28 -12.13 -1.20
C LEU B 393 38.65 -12.69 -1.56
N ALA B 394 39.30 -12.09 -2.53
CA ALA B 394 40.68 -12.41 -2.86
C ALA B 394 41.65 -11.47 -2.13
N ALA B 395 41.12 -10.63 -1.24
CA ALA B 395 41.85 -9.67 -0.44
C ALA B 395 41.39 -9.75 1.01
N PRO B 396 42.26 -9.37 1.94
CA PRO B 396 41.80 -9.21 3.31
C PRO B 396 40.87 -8.02 3.40
N PRO B 397 39.84 -8.06 4.25
CA PRO B 397 38.89 -6.94 4.31
C PRO B 397 39.55 -5.60 4.60
N ASP B 398 40.74 -5.64 5.21
CA ASP B 398 41.50 -4.44 5.53
C ASP B 398 42.11 -3.77 4.31
N GLU B 399 42.32 -4.54 3.25
CA GLU B 399 42.90 -4.05 2.03
C GLU B 399 41.84 -3.50 1.07
N VAL B 400 40.58 -3.51 1.50
CA VAL B 400 39.44 -3.08 0.68
C VAL B 400 39.37 -1.56 0.68
N PRO B 401 39.55 -0.90 -0.48
CA PRO B 401 39.45 0.55 -0.52
C PRO B 401 38.01 1.00 -0.41
N TRP B 402 37.80 2.11 0.29
CA TRP B 402 36.49 2.71 0.50
C TRP B 402 36.46 4.12 -0.06
N THR B 403 35.27 4.55 -0.48
CA THR B 403 35.14 5.92 -0.93
C THR B 403 35.38 6.82 0.28
N ARG B 404 35.98 7.99 0.04
CA ARG B 404 36.32 8.88 1.14
C ARG B 404 35.80 10.30 0.91
N GLY B 405 35.12 10.83 1.91
CA GLY B 405 34.50 12.13 1.75
C GLY B 405 33.31 12.16 0.85
N MET B 406 32.56 11.07 0.78
CA MET B 406 31.40 10.97 -0.10
C MET B 406 30.15 10.70 0.71
N GLN B 407 29.02 11.19 0.18
CA GLN B 407 27.74 11.24 0.89
C GLN B 407 27.12 9.86 1.13
N ALA B 408 27.58 8.82 0.43
CA ALA B 408 27.13 7.46 0.62
C ALA B 408 28.34 6.55 0.77
N ARG B 409 28.24 5.55 1.63
CA ARG B 409 29.35 4.63 1.83
C ARG B 409 29.38 3.57 0.73
N SER B 410 30.58 3.27 0.25
CA SER B 410 30.76 2.16 -0.68
C SER B 410 32.21 1.75 -0.68
N PRO B 411 32.48 0.48 -0.93
CA PRO B 411 33.82 0.09 -1.34
C PRO B 411 34.15 0.64 -2.72
N LEU B 412 35.45 0.91 -2.93
CA LEU B 412 35.97 1.26 -4.25
C LEU B 412 36.22 0.02 -5.11
N ARG B 413 36.65 -1.08 -4.51
CA ARG B 413 36.95 -2.31 -5.22
C ARG B 413 36.43 -3.48 -4.40
N LEU B 414 36.05 -4.57 -5.10
CA LEU B 414 35.63 -5.84 -4.49
C LEU B 414 36.32 -6.96 -5.24
N PRO B 415 37.62 -7.19 -5.01
CA PRO B 415 38.30 -8.32 -5.67
C PRO B 415 37.90 -9.63 -5.03
N VAL B 416 37.31 -10.53 -5.82
CA VAL B 416 36.77 -11.79 -5.30
C VAL B 416 37.27 -12.96 -6.15
N THR B 417 37.08 -14.16 -5.61
CA THR B 417 37.53 -15.39 -6.25
C THR B 417 36.59 -16.54 -5.91
N TRP B 418 36.71 -17.61 -6.70
CA TRP B 418 35.83 -18.79 -6.62
C TRP B 418 36.50 -20.04 -7.19
CHA HEM C . -17.33 -10.59 -2.61
CHB HEM C . -18.46 -6.15 -0.94
CHC HEM C . -23.19 -6.82 -1.87
CHD HEM C . -22.10 -11.34 -3.34
C1A HEM C . -17.21 -9.32 -2.07
C2A HEM C . -16.01 -8.66 -1.59
C3A HEM C . -16.34 -7.45 -1.15
C4A HEM C . -17.76 -7.28 -1.30
CMA HEM C . -15.39 -6.38 -0.56
CAA HEM C . -14.59 -9.25 -1.64
CBA HEM C . -14.13 -9.78 -0.29
CGA HEM C . -12.70 -10.18 -0.48
O1A HEM C . -12.14 -10.75 0.49
O2A HEM C . -12.15 -9.99 -1.60
C1B HEM C . -19.80 -5.92 -1.12
C2B HEM C . -20.47 -4.64 -0.95
C3B HEM C . -21.79 -4.84 -1.18
C4B HEM C . -21.99 -6.23 -1.52
CMB HEM C . -19.76 -3.34 -0.54
CAB HEM C . -22.96 -3.85 -1.16
CBB HEM C . -22.82 -2.55 -1.35
C1C HEM C . -23.30 -8.06 -2.46
C2C HEM C . -24.44 -8.60 -3.18
C3C HEM C . -24.12 -9.85 -3.60
C4C HEM C . -22.77 -10.14 -3.14
CMC HEM C . -25.77 -7.83 -3.44
CAC HEM C . -24.97 -10.87 -4.37
CBC HEM C . -26.29 -10.89 -4.20
C1D HEM C . -20.75 -11.55 -3.18
C2D HEM C . -20.08 -12.83 -3.23
C3D HEM C . -18.78 -12.63 -3.05
C4D HEM C . -18.54 -11.21 -2.86
CMD HEM C . -20.77 -14.19 -3.49
CAD HEM C . -17.71 -13.71 -3.06
CBD HEM C . -17.22 -13.66 -4.50
CGD HEM C . -16.08 -14.59 -4.64
O1D HEM C . -15.79 -15.25 -3.64
O2D HEM C . -15.48 -14.71 -5.74
NA HEM C . -18.27 -8.44 -1.85
NB HEM C . -20.75 -6.86 -1.46
NC HEM C . -22.30 -9.03 -2.46
ND HEM C . -19.78 -10.59 -2.93
FE HEM C . -20.25 -8.72 -2.17
N B9O D . -18.45 -9.66 1.33
CA B9O D . -18.64 -9.17 2.68
C B9O D . -20.03 -9.58 3.18
O B9O D . -21.02 -9.34 2.48
CB B9O D . -18.49 -7.62 2.76
CG1 B9O D . -17.05 -7.19 2.54
CG2 B9O D . -18.96 -7.03 4.11
CAA B9O D . -20.77 -12.45 1.93
CAB B9O D . -20.09 -12.84 0.79
CAC B9O D . -19.38 -14.02 0.81
CAD B9O D . -19.37 -14.77 1.97
CAE B9O D . -20.03 -14.35 3.03
CAF B9O D . -20.73 -13.20 3.04
CAH B9O D . -21.13 -13.90 5.17
CAI B9O D . -21.32 -12.97 4.23
CAJ B9O D . -22.17 -11.70 4.45
CAK B9O D . -21.38 -10.47 5.04
CAL B9O D . -21.15 -10.60 6.55
CAV B9O D . -17.29 -10.52 1.21
NAM B9O D . -20.09 -10.15 4.38
OAU B9O D . -19.75 -10.62 6.82
SAG B9O D . -20.18 -15.02 4.47
CHA HEM E . 14.38 8.86 -1.89
CHB HEM E . 17.59 5.60 -0.26
CHC HEM E . 18.34 3.79 -4.75
CHD HEM E . 15.49 7.38 -6.39
C1A HEM E . 15.20 8.15 -1.04
C2A HEM E . 15.37 8.33 0.38
C3A HEM E . 16.25 7.43 0.83
C4A HEM E . 16.68 6.64 -0.31
CMA HEM E . 16.76 7.25 2.28
CAA HEM E . 14.67 9.39 1.25
CBA HEM E . 15.68 10.47 1.59
CGA HEM E . 15.06 11.41 2.58
O1A HEM E . 15.75 12.35 3.06
O2A HEM E . 13.88 11.15 2.91
C1B HEM E . 18.02 4.80 -1.30
C2B HEM E . 18.80 3.59 -1.16
C3B HEM E . 19.03 3.10 -2.37
C4B HEM E . 18.39 3.94 -3.37
CMB HEM E . 19.34 2.94 0.13
CAB HEM E . 19.84 1.82 -2.47
CBB HEM E . 20.12 1.27 -3.63
C1C HEM E . 17.54 4.54 -5.61
C2C HEM E . 17.21 4.31 -7.02
C3C HEM E . 16.40 5.32 -7.42
C4C HEM E . 16.22 6.22 -6.32
CMC HEM E . 17.66 3.09 -7.87
CAC HEM E . 15.75 5.64 -8.79
CBC HEM E . 16.35 5.33 -9.94
C1D HEM E . 14.93 8.07 -5.35
C2D HEM E . 13.99 9.14 -5.46
C3D HEM E . 13.69 9.54 -4.24
C4D HEM E . 14.42 8.75 -3.27
CMD HEM E . 13.43 9.74 -6.77
CAD HEM E . 12.72 10.67 -3.90
CBD HEM E . 11.35 10.13 -3.62
CGD HEM E . 10.63 11.36 -3.24
O1D HEM E . 11.31 12.40 -3.17
O2D HEM E . 9.42 11.33 -2.96
NA HEM E . 16.02 7.10 -1.43
NB HEM E . 17.79 4.97 -2.66
NC HEM E . 16.92 5.72 -5.24
ND HEM E . 15.17 7.84 -4.00
FE HEM E . 16.43 6.33 -3.35
N B9O F . 18.80 9.42 -1.56
CA B9O F . 20.26 9.44 -1.40
C B9O F . 20.98 9.62 -2.72
O B9O F . 21.19 8.65 -3.44
CB B9O F . 20.84 8.15 -0.76
CG1 B9O F . 20.14 7.84 0.55
CG2 B9O F . 22.37 8.32 -0.45
CAA B9O F . 18.78 11.33 -4.79
CAB B9O F . 17.43 11.21 -4.51
CAC B9O F . 16.70 12.37 -4.36
CAD B9O F . 17.34 13.59 -4.50
CAE B9O F . 18.63 13.63 -4.76
CAF B9O F . 19.37 12.53 -4.90
CAH B9O F . 21.00 14.10 -5.25
CAI B9O F . 20.66 12.80 -5.17
CAJ B9O F . 21.69 11.68 -5.36
CAK B9O F . 22.35 11.20 -4.05
CAL B9O F . 23.36 12.20 -3.46
CAV B9O F . 18.24 10.68 -1.01
NAM B9O F . 21.46 10.85 -2.94
OAU B9O F . 23.59 11.87 -2.07
SAG B9O F . 19.59 14.89 -4.97
#